data_8G9O
#
_entry.id   8G9O
#
_cell.length_a   1.00
_cell.length_b   1.00
_cell.length_c   1.00
_cell.angle_alpha   90.00
_cell.angle_beta   90.00
_cell.angle_gamma   90.00
#
_symmetry.space_group_name_H-M   'P 1'
#
loop_
_entity.id
_entity.type
_entity.pdbx_description
1 polymer 'DNA polymerase alpha catalytic subunit'
2 polymer 'DNA primase large subunit'
3 polymer 'DNA template'
4 polymer 'RNA-DNA primer'
5 non-polymer "2'-DEOXYGUANOSINE-5'-TRIPHOSPHATE"
6 non-polymer 'MAGNESIUM ION'
7 non-polymer 'IRON/SULFUR CLUSTER'
#
loop_
_entity_poly.entity_id
_entity_poly.type
_entity_poly.pdbx_seq_one_letter_code
_entity_poly.pdbx_strand_id
1 'polypeptide(L)'
;SNAADGSQVFRFYWLDAYEDQYSQPGVVYLFGKVWIESADAYVSCCVSVKNIERTVYLLPRENRVQLSTGKDTGAPVSMM
HVYQEFNEAVAEKYKIMKFKSKKVDKDYAFEIPDVPASSEYLEVRYSADSPQLPQDLKGETFSHVFGTNTSSLELFLLSR
KIKGPSWLEIKSPQLSSQPMSWCKVEAVVTRPDQVSVVKDLAPPPVVVLSLSMKTVQNAKTHQNEIVAIAALVHHTFPLD
KAPPQPPFQTHFCVLSKLNDCIFPYDYNEAVKQKNANIEIALTERTLLGFFLAKIHKIDPDVIVGHDIYGFDLEVLLQRI
NSCKVPFWSKIGRLRRSVMPKLGGRSGFAERNAACGRIICDIEISAKELIRCKSYHLSELVHQILKAERVVIPPENIRNA
YNDSVHLLYMLENTWIDAKFILQIMCELNVLPLALQITNIAGNVMSRTLMGGRSERNEYLLLHAFTENNFIVPDKPVFKK
MQQTTVEDNDDMGTDQNKNKSRKKAAYAGGLVLEPKVGFYDKFILLLDFNSLYPSIIQEYNICFTTVHREAPSTQKGEDQ
DEIPELPHSDLEMGILPREIRKLVERRRHVKQLMKQPDLNPDLYLQYDIRQKALKLTANSMYGCLGFSYSRFYAKPLAAL
VTHQGREILLHTKEMVQKMNLEVIYGDTDSIMINTNCNNLEEVFKLGNRVKSEINKSYKLLEIDIDGIFKSLLLLKKKKY
AALTVEPTGDGKYVTKQELKGLDIVRRDWCELAKQAGNYVISQILSDQPRDSIVENIQKKLTEIGENVTNGTVPITQYEI
NKALTKDPQDYPDKKSLPHVHVALWINSQGGRKVKAGDTISYVICQDGSNLSASQRAYAQEQLQKQENLSIDTQYYLSQQ
VHPVVARICEPIDGIDSALIAMWLGLDPSQFRAHRHYQQDEENDALLGGPSQLTDEEKYRDCERFKFFCPKCGTENIYDN
VFDGSGLQIEPGLKRCSKPECDASPLDYVIQVHNKLLLDIRRYIKKYYSGWLVCEEKTCQNRTRRLPLSFSRNGPICQAC
SKATLRSEYPEKALYTQLCFYRFIFDWDYALEKVVSEQERGHLKKKLFQESENQYKKLKSTVDQVLSRSGYSEVNLSKLF
QTLNTIK
;
A
2 'polypeptide(L)'
;MLFSRDRKYRHNTRLTGDRKGDLYPSSLQFYQHPPTENISLIEFETFAIERLKLLKAVENLGVSYVKNSEEYSKKLELEL
RKLKFPYRPLHEEISDDVYDLRRKDHISHFILRLAYCQSEDLRRWFIQQEMDLFKFRFGLLTKESVQEFLKLNDLQYVAI
SEDEKNMHKEDLMNSSFGLSLTKMEDTEFYKVPFQAALDLVRPRKVFLWRGFAFIPHKDIVSIVLNDFRAKLSKALALSA
RSLPVVQSDERLQPLLNHLSHSYIGQDFSSQSNTGKISLEQIDGFAAKSFPLCMRQLHKSLRENHHLRHGGRMQYGLFLK
GIGLTLEQALQFWRLEFTKGKVDSEKFDKVYAYSIRHNYGKEGKRTDYTPYSCMKVILSNPPSQGDYHGCPFRHSDPELL
KQKLQSFKVPSSGINQILELVKGMHYQLACQKYFELTHSVDDCGFSLNHPNQYFAESQKLLTGSREIKKEQTARDSPAVT
ASQLSSSSSSASIPKSQSSAPEMEDLEQIFSEY
;
B
3 'polydeoxyribonucleotide'
;(DT)(DG)(DT)(DA)(DT)(DG)(DT)(DA)(DT)(DG)(DT)(DA)(DT)(DG)(DT)(DC)(DG)(DC)(DT)(DA)
(DA)(DG)(DT)(DT)(DC)(DA)(DC)(DG)(DC)(DA)(DG)(DT)(DA)(DT)(DC)(DC)(DT)(DG)(DT)(DA)
(DT)(DG)(DT)(DA)(DT)(DG)(DT)(DA)(DT)(DG)
;
C
4 'polydeoxyribonucleotide/polyribonucleotide hybrid' (GTP)GAUACUGC(DG)(DT)(DG)(DA)(DA)(DC)(DT)(DT)(DA)(DG)(DOC) D
#
loop_
_chem_comp.id
_chem_comp.type
_chem_comp.name
_chem_comp.formula
A RNA linking ADENOSINE-5'-MONOPHOSPHATE 'C10 H14 N5 O7 P'
C RNA linking CYTIDINE-5'-MONOPHOSPHATE 'C9 H14 N3 O8 P'
DA DNA linking 2'-DEOXYADENOSINE-5'-MONOPHOSPHATE 'C10 H14 N5 O6 P'
DC DNA linking 2'-DEOXYCYTIDINE-5'-MONOPHOSPHATE 'C9 H14 N3 O7 P'
DG DNA linking 2'-DEOXYGUANOSINE-5'-MONOPHOSPHATE 'C10 H14 N5 O7 P'
DGT non-polymer 2'-DEOXYGUANOSINE-5'-TRIPHOSPHATE 'C10 H16 N5 O13 P3'
DOC DNA linking 2',3'-DIDEOXYCYTIDINE-5'-MONOPHOSPHATE 'C9 H14 N3 O6 P'
DT DNA linking THYMIDINE-5'-MONOPHOSPHATE 'C10 H15 N2 O8 P'
G RNA linking GUANOSINE-5'-MONOPHOSPHATE 'C10 H14 N5 O8 P'
GTP non-polymer GUANOSINE-5'-TRIPHOSPHATE 'C10 H16 N5 O14 P3'
MG non-polymer 'MAGNESIUM ION' 'Mg 2'
SF4 non-polymer 'IRON/SULFUR CLUSTER' 'Fe4 S4'
U RNA linking URIDINE-5'-MONOPHOSPHATE 'C9 H13 N2 O9 P'
#
# COMPACT_ATOMS: atom_id res chain seq x y z
N GLN A 8 25.88 1.32 48.42
CA GLN A 8 25.46 0.06 47.83
C GLN A 8 24.50 0.31 46.67
N VAL A 9 23.72 1.38 46.76
CA VAL A 9 22.78 1.71 45.71
C VAL A 9 23.52 1.96 44.41
N PHE A 10 22.93 1.53 43.31
CA PHE A 10 23.52 1.68 41.97
C PHE A 10 22.49 2.40 41.10
N ARG A 11 22.82 3.61 40.65
CA ARG A 11 21.89 4.43 39.89
C ARG A 11 22.38 4.55 38.46
N PHE A 12 21.50 4.23 37.51
CA PHE A 12 21.86 4.28 36.10
C PHE A 12 20.65 4.64 35.26
N TYR A 13 20.92 5.26 34.12
CA TYR A 13 19.86 5.67 33.19
C TYR A 13 19.76 4.63 32.09
N TRP A 14 18.59 4.00 31.96
CA TRP A 14 18.45 2.86 31.08
C TRP A 14 17.80 3.25 29.77
N LEU A 15 18.27 2.63 28.68
CA LEU A 15 17.77 2.95 27.34
C LEU A 15 17.12 1.76 26.64
N ASP A 16 17.78 0.60 26.61
CA ASP A 16 17.35 -0.53 25.82
C ASP A 16 17.24 -1.79 26.68
N ALA A 17 16.27 -2.63 26.35
CA ALA A 17 16.06 -3.91 27.02
C ALA A 17 15.96 -5.01 25.98
N TYR A 18 16.73 -6.09 26.19
CA TYR A 18 16.76 -7.22 25.29
C TYR A 18 16.45 -8.49 26.06
N GLU A 19 15.64 -9.37 25.44
CA GLU A 19 15.25 -10.61 26.08
C GLU A 19 15.32 -11.75 25.08
N ASP A 20 15.48 -12.96 25.62
CA ASP A 20 15.52 -14.20 24.84
C ASP A 20 14.61 -15.20 25.53
N GLN A 21 13.42 -15.42 24.96
CA GLN A 21 12.42 -16.27 25.60
C GLN A 21 12.81 -17.74 25.57
N TYR A 22 13.85 -18.11 24.82
CA TYR A 22 14.26 -19.51 24.70
C TYR A 22 15.63 -19.77 25.28
N SER A 23 16.64 -18.98 24.90
CA SER A 23 18.00 -19.24 25.37
C SER A 23 18.08 -19.18 26.89
N GLN A 24 17.83 -18.01 27.47
CA GLN A 24 17.86 -17.85 28.92
C GLN A 24 16.46 -17.53 29.41
N PRO A 25 15.78 -18.44 30.11
CA PRO A 25 14.40 -18.16 30.52
C PRO A 25 14.37 -17.31 31.78
N GLY A 26 13.38 -16.42 31.84
CA GLY A 26 13.23 -15.55 32.99
C GLY A 26 14.43 -14.69 33.27
N VAL A 27 15.08 -14.19 32.21
CA VAL A 27 16.23 -13.30 32.33
C VAL A 27 16.02 -12.14 31.38
N VAL A 28 16.05 -10.91 31.91
CA VAL A 28 15.84 -9.71 31.11
C VAL A 28 17.04 -8.80 31.32
N TYR A 29 17.65 -8.36 30.22
CA TYR A 29 18.80 -7.48 30.30
C TYR A 29 18.34 -6.04 30.12
N LEU A 30 18.89 -5.14 30.93
CA LEU A 30 18.67 -3.71 30.81
C LEU A 30 20.01 -3.04 30.56
N PHE A 31 20.13 -2.37 29.42
CA PHE A 31 21.34 -1.67 29.05
C PHE A 31 21.18 -0.18 29.30
N GLY A 32 22.25 0.47 29.71
CA GLY A 32 22.18 1.88 29.99
C GLY A 32 23.52 2.48 30.30
N LYS A 33 23.49 3.67 30.89
CA LYS A 33 24.68 4.40 31.26
C LYS A 33 24.73 4.60 32.76
N VAL A 34 25.94 4.61 33.32
CA VAL A 34 26.14 4.86 34.74
C VAL A 34 27.33 5.78 34.93
N TRP A 35 27.28 6.56 35.99
CA TRP A 35 28.31 7.56 36.27
C TRP A 35 29.51 6.92 36.94
N ILE A 36 30.70 7.35 36.54
CA ILE A 36 31.95 6.90 37.15
C ILE A 36 32.83 8.11 37.39
N GLU A 37 33.27 8.28 38.64
CA GLU A 37 34.10 9.43 38.99
C GLU A 37 35.53 9.22 38.54
N SER A 38 36.04 7.99 38.60
CA SER A 38 37.42 7.73 38.20
C SER A 38 37.68 8.22 36.79
N ALA A 39 36.84 7.82 35.85
CA ALA A 39 36.90 8.34 34.50
C ALA A 39 36.16 9.67 34.36
N ASP A 40 35.42 10.08 35.39
CA ASP A 40 34.66 11.33 35.34
C ASP A 40 33.74 11.35 34.12
N ALA A 41 33.09 10.23 33.86
CA ALA A 41 32.33 10.08 32.63
C ALA A 41 31.21 9.06 32.84
N TYR A 42 30.28 9.05 31.89
CA TYR A 42 29.25 8.03 31.84
C TYR A 42 29.77 6.86 31.02
N VAL A 43 29.56 5.65 31.52
CA VAL A 43 30.02 4.44 30.84
C VAL A 43 28.85 3.48 30.70
N SER A 44 28.89 2.69 29.63
CA SER A 44 27.81 1.75 29.35
C SER A 44 27.86 0.59 30.34
N CYS A 45 26.68 0.08 30.68
CA CYS A 45 26.57 -1.02 31.62
C CYS A 45 25.33 -1.84 31.29
N CYS A 46 25.34 -3.08 31.74
CA CYS A 46 24.24 -4.01 31.53
C CYS A 46 23.89 -4.69 32.85
N VAL A 47 22.65 -4.53 33.28
CA VAL A 47 22.14 -5.15 34.50
C VAL A 47 21.17 -6.25 34.09
N SER A 48 21.44 -7.46 34.56
CA SER A 48 20.70 -8.65 34.13
C SER A 48 19.72 -9.03 35.23
N VAL A 49 18.50 -8.50 35.13
CA VAL A 49 17.45 -8.86 36.08
C VAL A 49 17.12 -10.34 35.85
N LYS A 50 17.43 -11.17 36.84
CA LYS A 50 17.19 -12.61 36.78
C LYS A 50 16.02 -12.96 37.68
N ASN A 51 15.60 -14.23 37.61
CA ASN A 51 14.54 -14.74 38.46
C ASN A 51 13.26 -13.92 38.30
N ILE A 52 12.89 -13.64 37.06
CA ILE A 52 11.68 -12.88 36.77
C ILE A 52 10.54 -13.90 36.72
N GLU A 53 9.98 -14.17 37.90
CA GLU A 53 8.99 -15.24 38.04
C GLU A 53 7.80 -14.97 37.13
N ARG A 54 7.39 -16.01 36.41
CA ARG A 54 6.13 -15.94 35.67
C ARG A 54 4.96 -15.83 36.63
N THR A 55 3.94 -15.10 36.20
CA THR A 55 2.74 -14.89 36.99
C THR A 55 1.52 -15.27 36.16
N VAL A 56 0.51 -15.81 36.84
CA VAL A 56 -0.71 -16.23 36.18
C VAL A 56 -1.87 -15.99 37.14
N TYR A 57 -2.94 -15.41 36.65
CA TYR A 57 -4.10 -15.08 37.45
C TYR A 57 -5.21 -16.05 37.11
N LEU A 58 -5.71 -16.76 38.11
CA LEU A 58 -6.75 -17.76 37.92
C LEU A 58 -8.07 -17.20 38.38
N LEU A 59 -9.09 -17.31 37.53
CA LEU A 59 -10.39 -16.73 37.80
C LEU A 59 -11.26 -17.79 38.46
N PRO A 60 -11.63 -17.63 39.73
CA PRO A 60 -12.49 -18.64 40.35
C PRO A 60 -13.87 -18.66 39.71
N ARG A 61 -14.47 -19.84 39.71
CA ARG A 61 -15.80 -20.01 39.17
C ARG A 61 -16.84 -19.66 40.23
N GLU A 62 -18.09 -19.51 39.79
CA GLU A 62 -19.16 -19.22 40.74
C GLU A 62 -19.55 -20.47 41.51
N ASN A 63 -19.53 -21.64 40.86
CA ASN A 63 -19.89 -22.88 41.51
C ASN A 63 -19.17 -24.02 40.82
N ARG A 64 -19.08 -25.15 41.52
CA ARG A 64 -18.32 -26.29 41.01
C ARG A 64 -18.95 -26.83 39.74
N VAL A 65 -18.10 -27.20 38.79
CA VAL A 65 -18.53 -27.79 37.51
C VAL A 65 -17.81 -29.12 37.35
N GLN A 66 -18.58 -30.15 36.99
CA GLN A 66 -18.06 -31.52 36.91
C GLN A 66 -17.30 -31.72 35.59
N LEU A 67 -16.16 -31.03 35.51
CA LEU A 67 -15.27 -31.16 34.35
C LEU A 67 -15.99 -30.89 33.04
N SER A 68 -16.96 -29.97 33.06
CA SER A 68 -17.75 -29.56 31.90
C SER A 68 -18.68 -30.68 31.43
N THR A 69 -18.71 -31.82 32.11
CA THR A 69 -19.58 -32.93 31.73
C THR A 69 -20.94 -32.81 32.40
N GLY A 70 -20.96 -32.74 33.73
CA GLY A 70 -22.19 -32.60 34.46
C GLY A 70 -22.70 -31.18 34.59
N LYS A 71 -22.02 -30.22 33.97
CA LYS A 71 -22.43 -28.82 34.06
C LYS A 71 -22.28 -28.32 35.49
N ASP A 72 -22.85 -27.14 35.77
CA ASP A 72 -22.72 -26.56 37.10
C ASP A 72 -23.44 -27.45 38.11
N THR A 73 -22.89 -27.54 39.32
CA THR A 73 -23.49 -28.32 40.38
C THR A 73 -23.98 -27.49 41.56
N GLY A 74 -23.59 -26.22 41.64
CA GLY A 74 -24.05 -25.36 42.71
C GLY A 74 -23.17 -25.34 43.94
N ALA A 75 -22.16 -26.19 44.00
CA ALA A 75 -21.27 -26.23 45.15
C ALA A 75 -20.39 -24.98 45.16
N PRO A 76 -20.43 -24.16 46.21
CA PRO A 76 -19.58 -22.97 46.22
C PRO A 76 -18.10 -23.34 46.22
N VAL A 77 -17.31 -22.45 45.64
CA VAL A 77 -15.86 -22.60 45.53
C VAL A 77 -15.22 -21.37 46.15
N SER A 78 -14.24 -21.58 47.01
CA SER A 78 -13.53 -20.49 47.68
C SER A 78 -12.06 -20.54 47.30
N MET A 79 -11.30 -19.60 47.86
CA MET A 79 -9.89 -19.52 47.51
C MET A 79 -9.14 -20.78 47.93
N MET A 80 -9.50 -21.33 49.09
CA MET A 80 -8.82 -22.54 49.56
C MET A 80 -9.03 -23.68 48.56
N HIS A 81 -10.25 -23.83 48.06
CA HIS A 81 -10.52 -24.88 47.08
C HIS A 81 -9.73 -24.66 45.81
N VAL A 82 -9.61 -23.41 45.36
CA VAL A 82 -8.83 -23.14 44.16
C VAL A 82 -7.37 -23.49 44.38
N TYR A 83 -6.83 -23.12 45.55
CA TYR A 83 -5.45 -23.46 45.84
C TYR A 83 -5.26 -24.96 45.87
N GLN A 84 -6.19 -25.69 46.49
CA GLN A 84 -6.08 -27.14 46.52
C GLN A 84 -6.10 -27.72 45.12
N GLU A 85 -7.01 -27.23 44.27
CA GLU A 85 -7.12 -27.74 42.92
C GLU A 85 -5.83 -27.50 42.14
N PHE A 86 -5.27 -26.30 42.26
CA PHE A 86 -4.04 -26.02 41.53
C PHE A 86 -2.88 -26.81 42.08
N ASN A 87 -2.87 -27.09 43.39
CA ASN A 87 -1.76 -27.80 43.99
C ASN A 87 -1.81 -29.28 43.66
N GLU A 88 -3.02 -29.85 43.57
CA GLU A 88 -3.16 -31.29 43.35
C GLU A 88 -3.18 -31.63 41.86
N ALA A 89 -4.14 -31.08 41.11
CA ALA A 89 -4.31 -31.51 39.73
C ALA A 89 -3.33 -30.82 38.79
N VAL A 90 -3.41 -29.48 38.71
CA VAL A 90 -2.65 -28.76 37.71
C VAL A 90 -1.15 -28.92 37.96
N ALA A 91 -0.73 -28.78 39.21
CA ALA A 91 0.70 -28.81 39.51
C ALA A 91 1.30 -30.16 39.15
N GLU A 92 0.65 -31.24 39.53
CA GLU A 92 1.15 -32.57 39.18
C GLU A 92 1.08 -32.82 37.68
N LYS A 93 -0.01 -32.39 37.04
CA LYS A 93 -0.18 -32.69 35.62
C LYS A 93 0.89 -32.04 34.76
N TYR A 94 1.24 -30.79 35.06
CA TYR A 94 2.12 -30.02 34.21
C TYR A 94 3.57 -29.98 34.70
N LYS A 95 3.92 -30.76 35.73
CA LYS A 95 5.28 -30.79 36.26
C LYS A 95 5.70 -29.41 36.79
N ILE A 96 4.96 -28.93 37.76
CA ILE A 96 5.24 -27.66 38.43
C ILE A 96 5.54 -27.97 39.89
N MET A 97 6.72 -27.56 40.36
CA MET A 97 7.21 -27.94 41.68
C MET A 97 6.86 -26.90 42.74
N LYS A 98 7.34 -25.67 42.57
CA LYS A 98 7.20 -24.63 43.58
C LYS A 98 6.43 -23.45 43.01
N PHE A 99 5.48 -22.95 43.79
CA PHE A 99 4.69 -21.79 43.40
C PHE A 99 4.25 -21.04 44.64
N LYS A 100 3.96 -19.76 44.46
CA LYS A 100 3.51 -18.91 45.55
C LYS A 100 2.16 -18.32 45.16
N SER A 101 1.20 -18.36 46.08
CA SER A 101 -0.18 -18.01 45.78
C SER A 101 -0.67 -16.91 46.71
N LYS A 102 -1.57 -16.09 46.20
CA LYS A 102 -2.24 -15.08 47.01
C LYS A 102 -3.56 -14.72 46.33
N LYS A 103 -4.39 -14.00 47.07
CA LYS A 103 -5.69 -13.56 46.57
C LYS A 103 -5.62 -12.07 46.23
N VAL A 104 -5.98 -11.71 45.00
CA VAL A 104 -5.91 -10.34 44.52
C VAL A 104 -7.25 -9.98 43.89
N ASP A 105 -7.86 -8.91 44.38
CA ASP A 105 -9.12 -8.42 43.83
C ASP A 105 -8.83 -7.47 42.69
N LYS A 106 -9.28 -7.79 41.48
CA LYS A 106 -8.99 -6.98 40.31
C LYS A 106 -10.24 -6.87 39.44
N ASP A 107 -10.26 -5.80 38.64
CA ASP A 107 -11.35 -5.53 37.72
C ASP A 107 -10.90 -5.79 36.29
N TYR A 108 -11.86 -6.17 35.45
CA TYR A 108 -11.57 -6.61 34.09
C TYR A 108 -12.58 -6.00 33.14
N ALA A 109 -12.08 -5.44 32.03
CA ALA A 109 -12.94 -4.92 30.96
C ALA A 109 -12.17 -5.04 29.65
N PHE A 110 -12.40 -6.15 28.96
CA PHE A 110 -11.77 -6.43 27.66
C PHE A 110 -12.64 -7.44 26.92
N GLU A 111 -12.13 -7.94 25.79
CA GLU A 111 -12.93 -8.72 24.84
C GLU A 111 -12.84 -10.20 25.16
N ILE A 112 -13.56 -10.60 26.19
CA ILE A 112 -13.74 -12.01 26.55
C ILE A 112 -15.11 -12.11 27.21
N PRO A 113 -15.89 -13.14 26.96
CA PRO A 113 -17.25 -13.20 27.51
C PRO A 113 -17.33 -13.89 28.86
N ASP A 114 -18.36 -13.51 29.62
CA ASP A 114 -18.66 -14.14 30.90
C ASP A 114 -17.47 -14.05 31.85
N VAL A 115 -16.79 -12.92 31.84
CA VAL A 115 -15.72 -12.63 32.79
C VAL A 115 -16.18 -11.47 33.67
N PRO A 116 -16.49 -11.72 34.95
CA PRO A 116 -17.10 -10.66 35.76
C PRO A 116 -16.21 -9.42 35.84
N ALA A 117 -16.85 -8.27 35.95
CA ALA A 117 -16.13 -7.00 35.90
C ALA A 117 -15.11 -6.86 37.02
N SER A 118 -15.47 -7.25 38.24
CA SER A 118 -14.57 -7.13 39.39
C SER A 118 -14.66 -8.38 40.25
N SER A 119 -13.58 -9.16 40.26
CA SER A 119 -13.57 -10.47 40.91
C SER A 119 -12.26 -10.66 41.67
N GLU A 120 -12.28 -11.63 42.58
CA GLU A 120 -11.15 -11.95 43.45
C GLU A 120 -10.36 -13.09 42.80
N TYR A 121 -9.44 -12.73 41.91
CA TYR A 121 -8.60 -13.72 41.26
C TYR A 121 -7.59 -14.29 42.25
N LEU A 122 -7.06 -15.47 41.93
CA LEU A 122 -5.99 -16.09 42.68
C LEU A 122 -4.71 -15.96 41.86
N GLU A 123 -3.77 -15.16 42.35
CA GLU A 123 -2.50 -14.99 41.67
C GLU A 123 -1.56 -16.11 42.07
N VAL A 124 -0.89 -16.70 41.10
CA VAL A 124 0.08 -17.76 41.30
C VAL A 124 1.33 -17.42 40.52
N ARG A 125 2.47 -17.41 41.20
CA ARG A 125 3.76 -17.14 40.59
C ARG A 125 4.63 -18.38 40.67
N TYR A 126 5.35 -18.65 39.57
CA TYR A 126 6.27 -19.77 39.55
C TYR A 126 7.44 -19.44 38.63
N SER A 127 8.54 -20.15 38.82
CA SER A 127 9.77 -19.82 38.13
C SER A 127 9.61 -19.97 36.62
N ALA A 128 10.36 -19.17 35.88
CA ALA A 128 10.25 -19.17 34.43
C ALA A 128 10.65 -20.52 33.84
N ASP A 129 11.71 -21.13 34.38
CA ASP A 129 12.25 -22.34 33.79
C ASP A 129 11.22 -23.45 33.72
N SER A 130 10.29 -23.51 34.67
CA SER A 130 9.29 -24.55 34.66
C SER A 130 8.36 -24.39 33.46
N PRO A 131 7.73 -25.48 33.02
CA PRO A 131 6.83 -25.40 31.86
C PRO A 131 5.76 -24.36 32.06
N GLN A 132 5.09 -24.03 30.95
CA GLN A 132 4.10 -22.96 30.90
C GLN A 132 2.71 -23.56 30.78
N LEU A 133 1.75 -22.99 31.48
CA LEU A 133 0.38 -23.47 31.39
C LEU A 133 -0.19 -23.14 30.01
N PRO A 134 -1.24 -23.86 29.59
CA PRO A 134 -1.88 -23.56 28.31
C PRO A 134 -3.02 -22.56 28.45
N GLN A 135 -3.27 -21.86 27.34
CA GLN A 135 -4.22 -20.76 27.36
C GLN A 135 -5.62 -21.22 27.74
N ASP A 136 -6.07 -22.34 27.19
CA ASP A 136 -7.44 -22.80 27.39
C ASP A 136 -7.63 -23.60 28.67
N LEU A 137 -6.56 -23.79 29.44
CA LEU A 137 -6.63 -24.62 30.65
C LEU A 137 -7.83 -24.25 31.50
N LYS A 138 -8.68 -25.24 31.74
CA LYS A 138 -9.88 -25.07 32.56
C LYS A 138 -9.98 -26.22 33.56
N GLY A 139 -10.56 -25.92 34.72
CA GLY A 139 -10.75 -26.92 35.75
C GLY A 139 -12.15 -26.93 36.31
N GLU A 140 -12.35 -27.63 37.43
CA GLU A 140 -13.66 -27.67 38.07
C GLU A 140 -13.90 -26.47 38.98
N THR A 141 -12.85 -25.70 39.28
CA THR A 141 -12.97 -24.56 40.17
C THR A 141 -12.70 -23.22 39.49
N PHE A 142 -12.00 -23.21 38.35
CA PHE A 142 -11.70 -21.98 37.65
C PHE A 142 -12.09 -22.11 36.18
N SER A 143 -12.33 -20.97 35.56
CA SER A 143 -12.85 -20.92 34.20
C SER A 143 -11.89 -20.31 33.20
N HIS A 144 -10.74 -19.81 33.63
CA HIS A 144 -9.82 -19.18 32.70
C HIS A 144 -8.49 -18.91 33.39
N VAL A 145 -7.42 -18.95 32.59
CA VAL A 145 -6.08 -18.60 33.05
C VAL A 145 -5.58 -17.50 32.13
N PHE A 146 -5.07 -16.42 32.72
CA PHE A 146 -4.56 -15.29 31.97
C PHE A 146 -3.05 -15.15 32.15
N GLY A 147 -2.51 -14.09 31.54
CA GLY A 147 -1.12 -13.73 31.72
C GLY A 147 -0.15 -14.90 31.57
N THR A 148 -0.59 -15.95 30.88
CA THR A 148 0.24 -17.14 30.74
C THR A 148 1.48 -16.84 29.91
N ASN A 149 1.32 -16.16 28.79
CA ASN A 149 2.41 -15.93 27.84
C ASN A 149 3.04 -14.57 28.01
N THR A 150 2.70 -13.83 29.06
CA THR A 150 3.26 -12.51 29.27
C THR A 150 4.77 -12.59 29.32
N SER A 151 5.42 -11.94 28.36
CA SER A 151 6.88 -12.01 28.27
C SER A 151 7.50 -11.49 29.55
N SER A 152 8.74 -11.95 29.82
CA SER A 152 9.40 -11.53 31.05
C SER A 152 9.64 -10.02 31.05
N LEU A 153 10.07 -9.46 29.93
CA LEU A 153 10.32 -8.03 29.89
C LEU A 153 9.04 -7.26 30.17
N GLU A 154 7.94 -7.69 29.57
CA GLU A 154 6.67 -7.01 29.78
C GLU A 154 6.24 -7.08 31.24
N LEU A 155 6.42 -8.25 31.86
CA LEU A 155 6.06 -8.40 33.26
C LEU A 155 6.90 -7.47 34.14
N PHE A 156 8.21 -7.44 33.91
CA PHE A 156 9.06 -6.58 34.73
C PHE A 156 8.70 -5.12 34.55
N LEU A 157 8.58 -4.68 33.30
CA LEU A 157 8.23 -3.28 33.04
C LEU A 157 6.92 -2.90 33.71
N LEU A 158 5.84 -3.63 33.42
CA LEU A 158 4.55 -3.27 33.97
C LEU A 158 4.56 -3.32 35.49
N SER A 159 5.11 -4.39 36.06
CA SER A 159 5.04 -4.55 37.51
C SER A 159 5.80 -3.45 38.24
N ARG A 160 7.00 -3.13 37.76
CA ARG A 160 7.80 -2.12 38.46
C ARG A 160 7.42 -0.69 38.11
N LYS A 161 6.51 -0.47 37.16
CA LYS A 161 5.98 0.84 36.83
C LYS A 161 6.94 1.68 35.99
N ILE A 162 8.02 1.09 35.48
CA ILE A 162 8.94 1.84 34.62
C ILE A 162 8.23 2.21 33.33
N LYS A 163 8.33 3.49 32.94
CA LYS A 163 7.70 4.02 31.73
C LYS A 163 8.74 4.78 30.91
N GLY A 164 9.38 4.08 29.98
CA GLY A 164 10.33 4.70 29.08
C GLY A 164 11.66 4.96 29.74
N PRO A 165 12.64 5.42 28.96
CA PRO A 165 13.97 5.65 29.52
C PRO A 165 13.91 6.58 30.71
N SER A 166 14.64 6.22 31.77
CA SER A 166 14.65 6.99 33.00
C SER A 166 15.81 6.51 33.86
N TRP A 167 15.95 7.15 35.02
CA TRP A 167 16.97 6.80 36.00
C TRP A 167 16.41 5.77 36.97
N LEU A 168 17.11 4.65 37.12
CA LEU A 168 16.70 3.56 37.99
C LEU A 168 17.77 3.33 39.05
N GLU A 169 17.30 2.96 40.24
CA GLU A 169 18.14 2.67 41.39
C GLU A 169 18.02 1.19 41.73
N ILE A 170 19.17 0.57 42.01
CA ILE A 170 19.29 -0.86 42.26
C ILE A 170 19.87 -1.04 43.65
N LYS A 171 19.25 -1.93 44.43
CA LYS A 171 19.69 -2.23 45.79
C LYS A 171 20.41 -3.58 45.82
N SER A 172 21.60 -3.58 46.41
CA SER A 172 22.39 -4.80 46.56
C SER A 172 22.72 -5.42 45.21
N PRO A 173 23.48 -4.74 44.36
CA PRO A 173 23.94 -5.39 43.13
C PRO A 173 24.96 -6.48 43.42
N GLN A 174 25.00 -7.45 42.52
CA GLN A 174 25.91 -8.59 42.61
C GLN A 174 26.78 -8.62 41.36
N LEU A 175 28.09 -8.68 41.54
CA LEU A 175 28.99 -8.77 40.40
C LEU A 175 28.77 -10.08 39.66
N SER A 176 28.80 -10.02 38.33
CA SER A 176 28.62 -11.21 37.52
C SER A 176 29.81 -12.14 37.65
N SER A 177 29.54 -13.44 37.71
CA SER A 177 30.60 -14.43 37.85
C SER A 177 31.57 -14.37 36.67
N GLN A 178 31.04 -14.30 35.46
CA GLN A 178 31.82 -14.23 34.23
C GLN A 178 31.26 -13.15 33.33
N PRO A 179 32.07 -12.60 32.42
CA PRO A 179 31.57 -11.57 31.51
C PRO A 179 30.38 -12.09 30.71
N MET A 180 29.38 -11.24 30.55
CA MET A 180 28.18 -11.59 29.79
C MET A 180 27.92 -10.57 28.71
N SER A 181 28.33 -9.32 28.94
CA SER A 181 28.12 -8.23 28.00
C SER A 181 29.44 -7.54 27.69
N TRP A 182 29.44 -6.78 26.61
CA TRP A 182 30.63 -6.09 26.13
C TRP A 182 30.84 -4.73 26.77
N CYS A 183 29.96 -4.31 27.69
CA CYS A 183 30.07 -3.01 28.31
C CYS A 183 31.18 -3.01 29.36
N LYS A 184 31.44 -1.84 29.94
CA LYS A 184 32.52 -1.65 30.88
C LYS A 184 32.09 -1.80 32.33
N VAL A 185 30.82 -2.08 32.60
CA VAL A 185 30.34 -2.32 33.95
C VAL A 185 29.17 -3.29 33.89
N GLU A 186 29.18 -4.28 34.78
CA GLU A 186 28.15 -5.30 34.82
C GLU A 186 27.62 -5.43 36.24
N ALA A 187 26.29 -5.55 36.36
CA ALA A 187 25.64 -5.76 37.63
C ALA A 187 24.58 -6.84 37.48
N VAL A 188 24.28 -7.52 38.58
CA VAL A 188 23.29 -8.59 38.60
C VAL A 188 22.24 -8.26 39.66
N VAL A 189 20.97 -8.29 39.25
CA VAL A 189 19.84 -8.05 40.14
C VAL A 189 19.13 -9.38 40.36
N THR A 190 19.01 -9.78 41.62
CA THR A 190 18.50 -11.10 41.95
C THR A 190 16.97 -11.15 42.00
N ARG A 191 16.29 -10.02 41.98
CA ARG A 191 14.83 -10.02 42.02
C ARG A 191 14.32 -8.74 41.39
N PRO A 192 13.12 -8.75 40.81
CA PRO A 192 12.57 -7.51 40.25
C PRO A 192 12.23 -6.46 41.30
N ASP A 193 12.10 -6.83 42.57
CA ASP A 193 11.68 -5.89 43.60
C ASP A 193 12.82 -5.01 44.09
N GLN A 194 14.04 -5.28 43.66
CA GLN A 194 15.20 -4.51 44.10
C GLN A 194 15.48 -3.31 43.21
N VAL A 195 14.71 -3.13 42.14
CA VAL A 195 14.94 -2.08 41.16
C VAL A 195 13.76 -1.11 41.24
N SER A 196 14.06 0.17 41.44
CA SER A 196 13.05 1.21 41.50
C SER A 196 13.44 2.34 40.55
N VAL A 197 12.56 3.31 40.41
CA VAL A 197 12.76 4.44 39.52
C VAL A 197 12.87 5.71 40.34
N VAL A 198 13.83 6.55 39.98
CA VAL A 198 14.04 7.84 40.63
C VAL A 198 13.62 8.94 39.67
N LYS A 199 12.91 9.93 40.18
CA LYS A 199 12.34 11.00 39.38
C LYS A 199 13.17 12.27 39.52
N ASP A 200 12.87 13.24 38.66
CA ASP A 200 13.46 14.58 38.74
C ASP A 200 14.98 14.53 38.61
N LEU A 201 15.42 14.10 37.42
CA LEU A 201 16.84 14.13 37.09
C LEU A 201 16.99 14.37 35.60
N ALA A 202 18.16 14.87 35.23
CA ALA A 202 18.42 15.28 33.85
C ALA A 202 18.87 14.07 33.03
N PRO A 203 18.26 13.81 31.87
CA PRO A 203 18.78 12.72 31.01
C PRO A 203 20.22 12.98 30.64
N PRO A 204 21.05 11.94 30.56
CA PRO A 204 22.47 12.16 30.31
C PRO A 204 22.78 12.16 28.83
N PRO A 205 23.95 12.66 28.45
CA PRO A 205 24.35 12.59 27.04
C PRO A 205 24.58 11.17 26.61
N VAL A 206 24.44 10.93 25.31
CA VAL A 206 24.63 9.62 24.73
C VAL A 206 25.68 9.74 23.64
N VAL A 207 26.12 8.58 23.16
CA VAL A 207 27.09 8.51 22.07
C VAL A 207 26.33 8.09 20.83
N VAL A 208 26.44 8.88 19.76
CA VAL A 208 25.70 8.67 18.54
C VAL A 208 26.70 8.44 17.41
N LEU A 209 26.53 7.34 16.69
CA LEU A 209 27.43 6.97 15.61
C LEU A 209 26.60 6.82 14.34
N SER A 210 26.86 7.68 13.37
CA SER A 210 26.22 7.62 12.06
C SER A 210 27.18 6.94 11.10
N LEU A 211 26.72 5.88 10.45
CA LEU A 211 27.58 5.07 9.59
C LEU A 211 27.05 5.09 8.17
N SER A 212 27.98 5.02 7.22
CA SER A 212 27.66 4.97 5.81
C SER A 212 28.62 4.03 5.12
N MET A 213 28.09 3.07 4.36
CA MET A 213 28.87 2.04 3.72
C MET A 213 28.64 2.09 2.21
N LYS A 214 29.72 2.03 1.45
CA LYS A 214 29.66 1.88 0.00
C LYS A 214 30.06 0.45 -0.33
N THR A 215 29.22 -0.23 -1.10
CA THR A 215 29.38 -1.65 -1.40
C THR A 215 29.33 -1.86 -2.91
N VAL A 216 30.02 -2.91 -3.36
CA VAL A 216 30.04 -3.31 -4.75
C VAL A 216 29.49 -4.73 -4.84
N GLN A 217 28.56 -4.95 -5.75
CA GLN A 217 27.91 -6.24 -5.86
C GLN A 217 28.79 -7.20 -6.66
N ASN A 218 29.06 -8.35 -6.08
CA ASN A 218 29.92 -9.33 -6.73
C ASN A 218 29.34 -9.77 -8.05
N ALA A 219 30.17 -9.82 -9.08
CA ALA A 219 29.71 -10.19 -10.41
C ALA A 219 29.47 -11.69 -10.50
N LYS A 220 30.44 -12.49 -10.07
CA LYS A 220 30.31 -13.94 -10.22
C LYS A 220 29.25 -14.48 -9.27
N THR A 221 29.28 -14.08 -8.01
CA THR A 221 28.39 -14.64 -7.01
C THR A 221 27.07 -13.91 -6.91
N HIS A 222 26.92 -12.75 -7.55
CA HIS A 222 25.68 -11.99 -7.51
C HIS A 222 25.30 -11.68 -6.07
N GLN A 223 26.26 -11.15 -5.32
CA GLN A 223 26.04 -10.74 -3.94
C GLN A 223 26.82 -9.45 -3.70
N ASN A 224 26.79 -8.98 -2.46
CA ASN A 224 27.34 -7.68 -2.09
C ASN A 224 28.61 -7.86 -1.28
N GLU A 225 29.63 -7.06 -1.59
CA GLU A 225 30.88 -7.04 -0.85
C GLU A 225 31.22 -5.59 -0.54
N ILE A 226 31.19 -5.24 0.76
CA ILE A 226 31.44 -3.88 1.18
C ILE A 226 32.85 -3.50 0.76
N VAL A 227 33.03 -2.23 0.37
CA VAL A 227 34.33 -1.76 -0.06
C VAL A 227 34.77 -0.55 0.75
N ALA A 228 33.83 0.20 1.30
CA ALA A 228 34.22 1.33 2.13
C ALA A 228 33.19 1.53 3.23
N ILE A 229 33.67 1.92 4.42
CA ILE A 229 32.80 2.13 5.57
C ILE A 229 33.34 3.34 6.32
N ALA A 230 32.49 4.33 6.52
CA ALA A 230 32.84 5.53 7.26
C ALA A 230 31.81 5.73 8.36
N ALA A 231 32.27 6.33 9.46
CA ALA A 231 31.35 6.60 10.56
C ALA A 231 31.79 7.89 11.24
N LEU A 232 30.81 8.64 11.72
CA LEU A 232 31.02 9.84 12.49
C LEU A 232 30.37 9.65 13.85
N VAL A 233 31.13 9.88 14.91
CA VAL A 233 30.67 9.61 16.26
C VAL A 233 30.74 10.90 17.06
N HIS A 234 29.69 11.18 17.80
CA HIS A 234 29.64 12.26 18.78
C HIS A 234 29.47 11.64 20.15
N HIS A 235 30.30 12.07 21.10
CA HIS A 235 30.38 11.41 22.40
C HIS A 235 29.49 12.06 23.45
N THR A 236 28.76 13.12 23.13
CA THR A 236 27.95 13.79 24.14
C THR A 236 26.62 14.27 23.58
N PHE A 237 26.13 13.63 22.53
CA PHE A 237 24.90 14.07 21.89
C PHE A 237 23.80 14.14 22.94
N PRO A 238 23.33 15.33 23.33
CA PRO A 238 22.31 15.42 24.36
C PRO A 238 20.96 14.93 23.87
N LEU A 239 20.06 14.73 24.83
CA LEU A 239 18.70 14.26 24.54
C LEU A 239 17.63 15.11 25.22
N ASP A 240 18.01 16.22 25.86
CA ASP A 240 17.05 17.11 26.49
C ASP A 240 17.27 18.57 26.14
N LYS A 241 18.22 18.87 25.26
CA LYS A 241 18.50 20.22 24.81
C LYS A 241 18.53 20.22 23.29
N ALA A 242 18.86 21.36 22.71
CA ALA A 242 18.92 21.48 21.28
C ALA A 242 20.10 20.67 20.75
N PRO A 243 20.06 20.27 19.48
CA PRO A 243 21.17 19.50 18.92
C PRO A 243 22.46 20.32 18.98
N PRO A 244 23.59 19.66 19.22
CA PRO A 244 24.85 20.40 19.31
C PRO A 244 25.38 20.80 17.94
N GLN A 245 26.13 21.90 17.94
CA GLN A 245 26.75 22.41 16.72
C GLN A 245 28.23 22.60 17.02
N PRO A 246 29.13 21.94 16.29
CA PRO A 246 28.90 21.07 15.14
C PRO A 246 28.28 19.74 15.56
N PRO A 247 27.49 19.12 14.70
CA PRO A 247 26.79 17.89 15.10
C PRO A 247 27.72 16.75 15.48
N PHE A 248 28.87 16.64 14.83
CA PHE A 248 29.77 15.50 15.00
C PHE A 248 31.09 15.93 15.60
N GLN A 249 31.63 15.10 16.50
CA GLN A 249 32.86 15.42 17.21
C GLN A 249 34.09 14.74 16.60
N THR A 250 33.99 13.45 16.27
CA THR A 250 35.11 12.77 15.63
C THR A 250 34.55 11.74 14.65
N HIS A 251 35.44 11.00 14.02
CA HIS A 251 35.04 10.09 12.95
C HIS A 251 36.15 9.07 12.70
N PHE A 252 35.80 8.01 11.96
CA PHE A 252 36.78 7.05 11.50
C PHE A 252 36.33 6.51 10.15
N CYS A 253 37.29 6.34 9.24
CA CYS A 253 37.04 5.85 7.89
C CYS A 253 37.92 4.63 7.60
N VAL A 254 37.36 3.66 6.89
CA VAL A 254 38.08 2.46 6.51
C VAL A 254 37.73 2.11 5.06
N LEU A 255 38.74 1.73 4.29
CA LEU A 255 38.57 1.37 2.88
C LEU A 255 39.28 0.06 2.62
N SER A 256 38.62 -0.82 1.88
CA SER A 256 39.13 -2.15 1.56
C SER A 256 39.37 -2.25 0.06
N LYS A 257 40.58 -2.64 -0.32
CA LYS A 257 40.91 -2.84 -1.72
C LYS A 257 40.09 -3.99 -2.27
N LEU A 258 39.66 -3.86 -3.53
CA LEU A 258 38.85 -4.90 -4.16
C LEU A 258 39.66 -6.18 -4.31
N ASN A 259 38.95 -7.31 -4.23
CA ASN A 259 39.62 -8.61 -4.33
C ASN A 259 40.34 -8.78 -5.66
N ASP A 260 39.85 -8.15 -6.72
CA ASP A 260 40.43 -8.26 -8.05
C ASP A 260 41.27 -7.03 -8.42
N CYS A 261 40.72 -5.84 -8.24
CA CYS A 261 41.46 -4.63 -8.60
C CYS A 261 42.60 -4.39 -7.61
N ILE A 262 43.55 -3.57 -8.05
CA ILE A 262 44.72 -3.23 -7.25
C ILE A 262 44.84 -1.71 -7.18
N PHE A 263 45.51 -1.24 -6.13
CA PHE A 263 45.67 0.20 -5.96
C PHE A 263 46.52 0.78 -7.10
N PRO A 264 46.35 2.08 -7.40
CA PRO A 264 47.09 2.70 -8.50
C PRO A 264 48.50 3.13 -8.12
N TYR A 265 49.23 2.24 -7.45
CA TYR A 265 50.64 2.44 -7.10
C TYR A 265 50.88 3.76 -6.38
N ASP A 266 49.82 4.39 -5.85
CA ASP A 266 49.96 5.66 -5.16
C ASP A 266 49.09 5.76 -3.92
N TYR A 267 48.42 4.68 -3.52
CA TYR A 267 47.50 4.77 -2.39
C TYR A 267 48.22 5.17 -1.11
N ASN A 268 49.43 4.64 -0.90
CA ASN A 268 50.18 4.96 0.31
C ASN A 268 50.45 6.46 0.39
N GLU A 269 51.00 7.04 -0.68
CA GLU A 269 51.32 8.46 -0.68
C GLU A 269 50.06 9.32 -0.54
N ALA A 270 48.99 8.93 -1.25
CA ALA A 270 47.75 9.70 -1.17
C ALA A 270 47.21 9.71 0.26
N VAL A 271 47.19 8.54 0.91
CA VAL A 271 46.70 8.48 2.28
C VAL A 271 47.61 9.27 3.21
N LYS A 272 48.93 9.15 3.03
CA LYS A 272 49.85 9.87 3.90
C LYS A 272 49.67 11.37 3.79
N GLN A 273 49.50 11.88 2.57
CA GLN A 273 49.30 13.32 2.38
C GLN A 273 47.89 13.76 2.74
N LYS A 274 46.92 12.85 2.77
CA LYS A 274 45.56 13.23 3.13
C LYS A 274 45.38 13.31 4.64
N ASN A 275 45.56 12.19 5.33
CA ASN A 275 45.40 12.13 6.78
C ASN A 275 45.80 10.74 7.23
N ALA A 276 45.98 10.59 8.54
CA ALA A 276 46.28 9.30 9.16
C ALA A 276 45.08 8.70 9.89
N ASN A 277 43.88 9.23 9.64
CA ASN A 277 42.66 8.77 10.31
C ASN A 277 41.92 7.71 9.50
N ILE A 278 42.48 7.25 8.39
CA ILE A 278 41.83 6.31 7.50
C ILE A 278 42.59 4.98 7.57
N GLU A 279 41.84 3.88 7.60
CA GLU A 279 42.41 2.54 7.71
C GLU A 279 42.28 1.82 6.38
N ILE A 280 43.40 1.40 5.82
CA ILE A 280 43.42 0.58 4.61
C ILE A 280 43.42 -0.88 5.02
N ALA A 281 42.42 -1.63 4.54
CA ALA A 281 42.27 -3.04 4.85
C ALA A 281 42.51 -3.85 3.58
N LEU A 282 43.28 -4.93 3.71
CA LEU A 282 43.60 -5.74 2.53
C LEU A 282 42.42 -6.58 2.07
N THR A 283 41.45 -6.85 2.95
CA THR A 283 40.31 -7.67 2.60
C THR A 283 39.08 -7.14 3.31
N GLU A 284 37.94 -7.75 2.99
CA GLU A 284 36.72 -7.44 3.73
C GLU A 284 36.77 -8.00 5.14
N ARG A 285 37.54 -9.08 5.33
CA ARG A 285 37.66 -9.66 6.67
C ARG A 285 38.32 -8.67 7.62
N THR A 286 39.46 -8.12 7.23
CA THR A 286 40.15 -7.16 8.08
C THR A 286 39.28 -5.91 8.29
N LEU A 287 38.59 -5.48 7.24
CA LEU A 287 37.71 -4.33 7.37
C LEU A 287 36.64 -4.59 8.44
N LEU A 288 36.01 -5.76 8.39
CA LEU A 288 34.95 -6.05 9.35
C LEU A 288 35.51 -6.21 10.76
N GLY A 289 36.69 -6.82 10.88
CA GLY A 289 37.32 -6.90 12.20
C GLY A 289 37.62 -5.54 12.78
N PHE A 290 38.15 -4.63 11.96
CA PHE A 290 38.41 -3.28 12.43
C PHE A 290 37.11 -2.59 12.81
N PHE A 291 36.04 -2.82 12.03
CA PHE A 291 34.76 -2.21 12.37
C PHE A 291 34.26 -2.70 13.71
N LEU A 292 34.36 -4.01 13.96
CA LEU A 292 33.90 -4.53 15.24
C LEU A 292 34.73 -3.98 16.39
N ALA A 293 36.05 -3.90 16.20
CA ALA A 293 36.90 -3.36 17.25
C ALA A 293 36.54 -1.91 17.55
N LYS A 294 36.34 -1.10 16.51
CA LYS A 294 36.00 0.30 16.71
C LYS A 294 34.64 0.43 17.38
N ILE A 295 33.68 -0.40 17.00
CA ILE A 295 32.36 -0.32 17.63
C ILE A 295 32.47 -0.65 19.11
N HIS A 296 33.25 -1.66 19.45
CA HIS A 296 33.43 -2.00 20.85
C HIS A 296 34.09 -0.84 21.61
N LYS A 297 35.17 -0.30 21.07
CA LYS A 297 35.87 0.78 21.77
C LYS A 297 34.99 2.01 21.95
N ILE A 298 34.29 2.43 20.90
CA ILE A 298 33.39 3.57 21.04
C ILE A 298 32.19 3.20 21.88
N ASP A 299 31.67 1.99 21.72
CA ASP A 299 30.50 1.56 22.45
C ASP A 299 29.36 2.52 22.17
N PRO A 300 28.95 2.67 20.92
CA PRO A 300 27.86 3.61 20.61
C PRO A 300 26.55 3.17 21.22
N ASP A 301 25.72 4.18 21.55
CA ASP A 301 24.39 3.93 22.07
C ASP A 301 23.29 4.13 21.04
N VAL A 302 23.53 4.93 20.00
CA VAL A 302 22.56 5.13 18.92
C VAL A 302 23.30 5.07 17.60
N ILE A 303 23.19 3.95 16.91
CA ILE A 303 23.77 3.79 15.58
C ILE A 303 22.72 4.16 14.55
N VAL A 304 23.07 5.09 13.66
CA VAL A 304 22.14 5.70 12.74
C VAL A 304 22.66 5.54 11.32
N GLY A 305 21.72 5.49 10.37
CA GLY A 305 22.08 5.38 8.97
C GLY A 305 20.84 5.46 8.10
N HIS A 306 21.04 5.30 6.80
CA HIS A 306 19.96 5.30 5.82
C HIS A 306 19.63 3.88 5.42
N ASP A 307 18.36 3.50 5.57
CA ASP A 307 17.93 2.13 5.32
C ASP A 307 18.77 1.14 6.11
N ILE A 308 19.16 1.54 7.32
CA ILE A 308 20.02 0.68 8.12
C ILE A 308 19.29 -0.61 8.47
N TYR A 309 18.02 -0.50 8.85
CA TYR A 309 17.25 -1.71 9.12
C TYR A 309 17.12 -2.56 7.86
N GLY A 310 16.90 -1.92 6.73
CA GLY A 310 16.60 -2.64 5.51
C GLY A 310 17.81 -3.26 4.83
N PHE A 311 18.84 -2.45 4.57
CA PHE A 311 19.93 -2.87 3.72
C PHE A 311 21.31 -2.78 4.35
N ASP A 312 21.51 -1.94 5.37
CA ASP A 312 22.85 -1.74 5.91
C ASP A 312 23.18 -2.77 6.98
N LEU A 313 22.38 -2.82 8.05
CA LEU A 313 22.65 -3.79 9.11
C LEU A 313 22.55 -5.21 8.59
N GLU A 314 21.56 -5.48 7.74
CA GLU A 314 21.43 -6.82 7.19
C GLU A 314 22.64 -7.18 6.34
N VAL A 315 23.12 -6.25 5.52
CA VAL A 315 24.31 -6.52 4.72
C VAL A 315 25.51 -6.78 5.62
N LEU A 316 25.67 -5.98 6.67
CA LEU A 316 26.81 -6.17 7.55
C LEU A 316 26.78 -7.53 8.22
N LEU A 317 25.62 -7.91 8.76
CA LEU A 317 25.53 -9.21 9.42
C LEU A 317 25.75 -10.34 8.44
N GLN A 318 25.16 -10.26 7.24
CA GLN A 318 25.35 -11.31 6.26
C GLN A 318 26.80 -11.41 5.83
N ARG A 319 27.48 -10.28 5.69
CA ARG A 319 28.88 -10.31 5.30
C ARG A 319 29.74 -10.89 6.41
N ILE A 320 29.40 -10.59 7.67
CA ILE A 320 30.12 -11.20 8.78
C ILE A 320 29.96 -12.72 8.73
N ASN A 321 28.73 -13.18 8.51
CA ASN A 321 28.49 -14.62 8.44
C ASN A 321 29.27 -15.24 7.29
N SER A 322 29.25 -14.59 6.12
CA SER A 322 29.86 -15.14 4.93
C SER A 322 31.39 -15.21 5.06
N CYS A 323 32.00 -14.14 5.56
CA CYS A 323 33.44 -14.13 5.75
C CYS A 323 33.88 -14.73 7.07
N LYS A 324 32.94 -15.06 7.95
CA LYS A 324 33.25 -15.65 9.24
C LYS A 324 34.27 -14.79 9.98
N VAL A 325 33.83 -13.57 10.27
CA VAL A 325 34.60 -12.64 11.09
C VAL A 325 34.38 -13.00 12.55
N PRO A 326 35.43 -13.28 13.32
CA PRO A 326 35.21 -13.76 14.69
C PRO A 326 34.60 -12.69 15.56
N PHE A 327 33.95 -13.14 16.63
CA PHE A 327 33.39 -12.22 17.63
C PHE A 327 32.28 -11.36 17.02
N TRP A 328 31.32 -12.01 16.37
CA TRP A 328 30.20 -11.26 15.81
C TRP A 328 29.40 -10.56 16.90
N SER A 329 29.38 -11.13 18.10
CA SER A 329 28.51 -10.60 19.15
C SER A 329 28.80 -9.14 19.44
N LYS A 330 30.02 -8.68 19.15
CA LYS A 330 30.37 -7.29 19.42
C LYS A 330 29.45 -6.32 18.70
N ILE A 331 28.89 -6.73 17.56
CA ILE A 331 27.95 -5.87 16.85
C ILE A 331 26.73 -5.53 17.68
N GLY A 332 26.53 -6.21 18.81
CA GLY A 332 25.51 -5.82 19.75
C GLY A 332 26.14 -5.30 21.03
N ARG A 333 25.63 -5.75 22.17
CA ARG A 333 26.22 -5.41 23.46
C ARG A 333 26.42 -6.67 24.29
N LEU A 334 25.57 -7.66 24.08
CA LEU A 334 25.64 -8.91 24.81
C LEU A 334 26.69 -9.82 24.19
N ARG A 335 26.98 -10.91 24.86
CA ARG A 335 27.95 -11.89 24.39
C ARG A 335 27.22 -13.17 24.03
N ARG A 336 27.33 -13.59 22.77
CA ARG A 336 26.65 -14.76 22.26
C ARG A 336 27.57 -15.47 21.28
N SER A 337 27.12 -16.61 20.76
CA SER A 337 27.91 -17.38 19.81
C SER A 337 27.11 -17.76 18.57
N VAL A 338 25.79 -17.86 18.71
CA VAL A 338 24.92 -18.27 17.61
C VAL A 338 24.19 -17.04 17.11
N MET A 339 24.53 -16.60 15.89
CA MET A 339 23.88 -15.43 15.33
C MET A 339 22.42 -15.74 15.03
N PRO A 340 21.51 -14.78 15.24
CA PRO A 340 20.12 -15.02 14.86
C PRO A 340 19.96 -15.31 13.38
N LYS A 341 19.02 -16.19 13.06
CA LYS A 341 18.75 -16.54 11.67
C LYS A 341 18.39 -15.29 10.88
N LEU A 342 19.00 -15.15 9.71
CA LEU A 342 18.81 -13.94 8.90
C LEU A 342 17.47 -14.03 8.17
N GLY A 343 17.27 -13.14 7.21
CA GLY A 343 16.04 -13.13 6.46
C GLY A 343 14.86 -12.73 7.32
N GLY A 344 13.68 -13.23 6.94
CA GLY A 344 12.46 -12.93 7.65
C GLY A 344 11.90 -11.58 7.25
N ARG A 345 10.67 -11.33 7.68
CA ARG A 345 10.00 -10.08 7.35
C ARG A 345 10.38 -8.99 8.34
N SER A 346 10.44 -7.76 7.84
CA SER A 346 10.82 -6.61 8.64
C SER A 346 12.29 -6.70 9.04
N GLY A 347 12.65 -6.05 10.14
CA GLY A 347 14.02 -6.07 10.62
C GLY A 347 14.11 -6.47 12.07
N PHE A 348 13.15 -7.26 12.55
CA PHE A 348 13.19 -7.70 13.94
C PHE A 348 14.42 -8.56 14.20
N ALA A 349 14.73 -9.46 13.27
CA ALA A 349 15.94 -10.25 13.38
C ALA A 349 17.16 -9.34 13.37
N GLU A 350 17.18 -8.36 12.45
CA GLU A 350 18.28 -7.42 12.40
C GLU A 350 18.34 -6.59 13.67
N ARG A 351 17.18 -6.23 14.23
CA ARG A 351 17.16 -5.48 15.47
C ARG A 351 17.82 -6.27 16.60
N ASN A 352 17.42 -7.53 16.76
CA ASN A 352 18.02 -8.34 17.80
C ASN A 352 19.48 -8.66 17.51
N ALA A 353 19.89 -8.57 16.24
CA ALA A 353 21.29 -8.83 15.90
C ALA A 353 22.24 -7.80 16.48
N ALA A 354 21.73 -6.67 16.96
CA ALA A 354 22.54 -5.64 17.59
C ALA A 354 21.85 -5.17 18.87
N CYS A 355 21.45 -6.13 19.69
CA CYS A 355 20.67 -5.83 20.88
C CYS A 355 21.45 -4.89 21.79
N GLY A 356 20.73 -3.97 22.42
CA GLY A 356 21.33 -3.03 23.33
C GLY A 356 21.80 -1.74 22.68
N ARG A 357 21.77 -1.65 21.37
CA ARG A 357 22.19 -0.46 20.64
C ARG A 357 21.02 0.05 19.82
N ILE A 358 20.46 1.20 20.22
CA ILE A 358 19.34 1.76 19.48
C ILE A 358 19.76 1.99 18.05
N ILE A 359 18.84 1.79 17.13
CA ILE A 359 19.10 1.89 15.69
C ILE A 359 18.16 2.93 15.12
N CYS A 360 18.72 3.87 14.35
CA CYS A 360 17.98 4.97 13.77
C CYS A 360 18.10 4.89 12.26
N ASP A 361 17.03 4.45 11.61
CA ASP A 361 16.93 4.46 10.15
C ASP A 361 16.28 5.77 9.75
N ILE A 362 17.10 6.70 9.24
CA ILE A 362 16.55 8.02 8.92
C ILE A 362 15.41 7.89 7.94
N GLU A 363 15.40 6.84 7.12
CA GLU A 363 14.31 6.64 6.18
C GLU A 363 12.99 6.48 6.93
N ILE A 364 12.97 5.61 7.94
CA ILE A 364 11.73 5.34 8.66
C ILE A 364 11.32 6.56 9.47
N SER A 365 12.28 7.23 10.09
CA SER A 365 11.95 8.43 10.85
C SER A 365 11.37 9.51 9.93
N ALA A 366 11.98 9.70 8.76
CA ALA A 366 11.46 10.69 7.82
C ALA A 366 10.05 10.32 7.36
N LYS A 367 9.81 9.04 7.09
CA LYS A 367 8.46 8.64 6.72
C LYS A 367 7.48 8.96 7.84
N GLU A 368 7.87 8.68 9.08
CA GLU A 368 6.97 8.94 10.20
C GLU A 368 6.68 10.42 10.39
N LEU A 369 7.69 11.27 10.24
CA LEU A 369 7.53 12.68 10.59
C LEU A 369 7.15 13.55 9.39
N ILE A 370 7.99 13.59 8.37
CA ILE A 370 7.81 14.49 7.25
C ILE A 370 7.21 13.73 6.07
N ARG A 371 6.67 14.50 5.12
CA ARG A 371 6.09 13.96 3.90
C ARG A 371 6.82 14.55 2.70
N CYS A 372 7.39 13.68 1.87
CA CYS A 372 8.18 14.12 0.72
C CYS A 372 7.81 13.26 -0.47
N LYS A 373 8.09 13.80 -1.67
CA LYS A 373 7.78 13.06 -2.88
C LYS A 373 8.62 11.79 -2.99
N SER A 374 9.89 11.86 -2.61
CA SER A 374 10.76 10.69 -2.64
C SER A 374 11.57 10.63 -1.35
N TYR A 375 11.99 9.43 -0.99
CA TYR A 375 12.71 9.18 0.24
C TYR A 375 14.14 8.71 0.02
N HIS A 376 14.60 8.69 -1.23
CA HIS A 376 16.01 8.45 -1.47
C HIS A 376 16.83 9.50 -0.74
N LEU A 377 18.12 9.21 -0.59
CA LEU A 377 18.99 10.14 0.14
C LEU A 377 19.03 11.50 -0.54
N SER A 378 19.07 11.50 -1.88
CA SER A 378 19.16 12.77 -2.60
C SER A 378 17.96 13.65 -2.31
N GLU A 379 16.75 13.10 -2.37
CA GLU A 379 15.56 13.90 -2.15
C GLU A 379 15.51 14.44 -0.72
N LEU A 380 15.83 13.61 0.26
CA LEU A 380 15.81 14.07 1.65
C LEU A 380 16.83 15.19 1.85
N VAL A 381 18.02 15.04 1.28
CA VAL A 381 19.04 16.07 1.41
C VAL A 381 18.57 17.36 0.77
N HIS A 382 17.97 17.27 -0.41
CA HIS A 382 17.50 18.43 -1.15
C HIS A 382 16.28 19.09 -0.53
N GLN A 383 15.54 18.41 0.34
CA GLN A 383 14.30 18.98 0.87
C GLN A 383 14.42 19.59 2.26
N ILE A 384 15.38 19.14 3.07
CA ILE A 384 15.53 19.63 4.44
C ILE A 384 16.73 20.57 4.57
N LEU A 385 17.93 20.07 4.30
CA LEU A 385 19.12 20.91 4.41
C LEU A 385 19.29 21.84 3.22
N LYS A 386 18.59 21.60 2.11
CA LYS A 386 18.71 22.42 0.91
C LYS A 386 20.15 22.41 0.41
N ALA A 387 20.63 21.22 0.03
CA ALA A 387 21.94 21.05 -0.55
C ALA A 387 21.85 20.29 -1.86
N GLU A 388 22.99 19.90 -2.42
CA GLU A 388 23.05 19.09 -3.63
C GLU A 388 23.87 17.84 -3.35
N ARG A 389 23.26 16.67 -3.57
CA ARG A 389 23.89 15.39 -3.30
C ARG A 389 24.39 14.78 -4.61
N VAL A 390 25.68 14.46 -4.66
CA VAL A 390 26.29 13.84 -5.83
C VAL A 390 26.12 12.33 -5.73
N VAL A 391 25.59 11.72 -6.79
CA VAL A 391 25.36 10.28 -6.83
C VAL A 391 26.38 9.69 -7.80
N ILE A 392 27.26 8.85 -7.27
CA ILE A 392 28.25 8.16 -8.11
C ILE A 392 27.58 7.04 -8.87
N PRO A 393 27.71 6.97 -10.19
CA PRO A 393 27.11 5.86 -10.94
C PRO A 393 27.66 4.53 -10.46
N PRO A 394 26.85 3.48 -10.44
CA PRO A 394 27.37 2.19 -9.94
C PRO A 394 28.57 1.68 -10.72
N GLU A 395 28.68 1.99 -12.01
CA GLU A 395 29.85 1.55 -12.75
C GLU A 395 31.08 2.32 -12.28
N ASN A 396 30.88 3.60 -11.94
CA ASN A 396 32.00 4.44 -11.55
C ASN A 396 32.64 3.93 -10.27
N ILE A 397 31.93 3.15 -9.46
CA ILE A 397 32.49 2.71 -8.20
C ILE A 397 33.45 1.56 -8.47
N ARG A 398 33.01 0.60 -9.28
CA ARG A 398 33.87 -0.51 -9.68
C ARG A 398 35.09 -0.01 -10.42
N ASN A 399 34.94 1.07 -11.19
CA ASN A 399 36.08 1.66 -11.88
C ASN A 399 36.76 2.77 -11.10
N ALA A 400 36.30 3.06 -9.87
CA ALA A 400 36.93 4.09 -9.06
C ALA A 400 38.35 3.72 -8.66
N TYR A 401 38.63 2.43 -8.46
CA TYR A 401 39.97 2.02 -8.07
C TYR A 401 40.90 1.94 -9.28
N ASN A 402 40.96 3.01 -10.06
CA ASN A 402 41.90 3.16 -11.14
C ASN A 402 42.77 4.40 -11.01
N ASP A 403 42.28 5.43 -10.33
CA ASP A 403 43.06 6.61 -10.00
C ASP A 403 42.87 6.95 -8.54
N SER A 404 43.97 7.17 -7.81
CA SER A 404 43.87 7.52 -6.40
C SER A 404 42.99 8.74 -6.20
N VAL A 405 42.99 9.65 -7.17
CA VAL A 405 42.14 10.84 -7.08
C VAL A 405 40.68 10.42 -6.99
N HIS A 406 40.26 9.48 -7.84
CA HIS A 406 38.87 9.04 -7.82
C HIS A 406 38.57 8.18 -6.60
N LEU A 407 39.56 7.44 -6.09
CA LEU A 407 39.36 6.70 -4.85
C LEU A 407 39.07 7.66 -3.70
N LEU A 408 39.90 8.68 -3.55
CA LEU A 408 39.63 9.70 -2.54
C LEU A 408 38.32 10.42 -2.80
N TYR A 409 37.95 10.60 -4.06
CA TYR A 409 36.66 11.23 -4.36
C TYR A 409 35.51 10.38 -3.86
N MET A 410 35.60 9.06 -4.06
CA MET A 410 34.56 8.17 -3.56
C MET A 410 34.51 8.19 -2.04
N LEU A 411 35.67 8.14 -1.40
CA LEU A 411 35.69 8.19 0.06
C LEU A 411 35.08 9.49 0.57
N GLU A 412 35.42 10.62 -0.06
CA GLU A 412 34.84 11.89 0.36
C GLU A 412 33.35 11.93 0.11
N ASN A 413 32.87 11.28 -0.95
CA ASN A 413 31.43 11.21 -1.19
C ASN A 413 30.75 10.43 -0.08
N THR A 414 31.35 9.33 0.35
CA THR A 414 30.81 8.58 1.48
C THR A 414 30.79 9.44 2.74
N TRP A 415 31.87 10.17 2.98
CA TRP A 415 31.93 11.05 4.15
C TRP A 415 30.84 12.10 4.10
N ILE A 416 30.61 12.68 2.91
CA ILE A 416 29.59 13.72 2.77
C ILE A 416 28.21 13.13 2.97
N ASP A 417 27.99 11.89 2.50
CA ASP A 417 26.71 11.23 2.78
C ASP A 417 26.52 11.03 4.28
N ALA A 418 27.58 10.64 4.98
CA ALA A 418 27.48 10.46 6.42
C ALA A 418 27.13 11.77 7.11
N LYS A 419 27.80 12.85 6.71
CA LYS A 419 27.51 14.14 7.32
C LYS A 419 26.09 14.57 7.01
N PHE A 420 25.63 14.32 5.78
CA PHE A 420 24.25 14.64 5.44
C PHE A 420 23.28 13.88 6.32
N ILE A 421 23.54 12.60 6.55
CA ILE A 421 22.64 11.80 7.39
C ILE A 421 22.61 12.37 8.79
N LEU A 422 23.78 12.71 9.34
CA LEU A 422 23.82 13.24 10.70
C LEU A 422 23.07 14.58 10.78
N GLN A 423 23.27 15.44 9.79
CA GLN A 423 22.58 16.72 9.78
C GLN A 423 21.08 16.53 9.66
N ILE A 424 20.65 15.59 8.83
CA ILE A 424 19.23 15.30 8.72
C ILE A 424 18.66 14.86 10.06
N MET A 425 19.39 13.97 10.75
CA MET A 425 18.92 13.51 12.05
C MET A 425 18.78 14.69 13.00
N CYS A 426 19.78 15.58 13.02
CA CYS A 426 19.71 16.72 13.93
C CYS A 426 18.55 17.63 13.56
N GLU A 427 18.40 17.93 12.26
CA GLU A 427 17.41 18.89 11.82
C GLU A 427 16.01 18.41 12.15
N LEU A 428 15.72 17.15 11.87
CA LEU A 428 14.39 16.65 12.19
C LEU A 428 14.21 16.44 13.69
N ASN A 429 15.26 16.56 14.48
CA ASN A 429 15.20 16.28 15.91
C ASN A 429 14.61 14.89 16.15
N VAL A 430 15.26 13.90 15.55
CA VAL A 430 14.76 12.53 15.62
C VAL A 430 14.91 11.98 17.02
N LEU A 431 16.09 12.18 17.63
CA LEU A 431 16.36 11.53 18.91
C LEU A 431 15.57 12.15 20.05
N PRO A 432 15.59 13.46 20.26
CA PRO A 432 14.77 14.02 21.34
C PRO A 432 13.29 13.75 21.16
N LEU A 433 12.79 13.82 19.93
CA LEU A 433 11.38 13.55 19.70
C LEU A 433 11.05 12.10 19.99
N ALA A 434 11.94 11.19 19.60
CA ALA A 434 11.73 9.79 19.90
C ALA A 434 11.72 9.55 21.39
N LEU A 435 12.65 10.18 22.11
CA LEU A 435 12.68 10.00 23.56
C LEU A 435 11.40 10.53 24.21
N GLN A 436 10.93 11.70 23.77
CA GLN A 436 9.72 12.25 24.36
C GLN A 436 8.52 11.35 24.07
N ILE A 437 8.41 10.86 22.84
CA ILE A 437 7.30 9.98 22.49
C ILE A 437 7.39 8.68 23.27
N THR A 438 8.60 8.15 23.45
CA THR A 438 8.76 6.93 24.22
C THR A 438 8.35 7.13 25.67
N ASN A 439 8.75 8.25 26.26
CA ASN A 439 8.34 8.51 27.64
C ASN A 439 6.83 8.65 27.74
N ILE A 440 6.22 9.30 26.76
CA ILE A 440 4.77 9.43 26.78
C ILE A 440 4.09 8.08 26.67
N ALA A 441 4.58 7.23 25.76
CA ALA A 441 3.92 5.96 25.50
C ALA A 441 4.29 4.90 26.54
N GLY A 442 5.57 4.53 26.60
CA GLY A 442 6.02 3.59 27.60
C GLY A 442 6.79 2.39 27.06
N ASN A 443 6.87 2.24 25.74
CA ASN A 443 7.57 1.11 25.15
C ASN A 443 9.07 1.35 25.25
N VAL A 444 9.84 0.49 24.60
CA VAL A 444 11.29 0.64 24.60
C VAL A 444 11.69 1.53 23.43
N MET A 445 12.77 2.29 23.62
CA MET A 445 13.15 3.28 22.61
C MET A 445 13.52 2.60 21.30
N SER A 446 14.19 1.45 21.36
CA SER A 446 14.58 0.76 20.14
C SER A 446 13.36 0.44 19.29
N ARG A 447 12.25 0.11 19.93
CA ARG A 447 11.02 -0.17 19.20
C ARG A 447 10.38 1.11 18.68
N THR A 448 10.41 2.18 19.46
CA THR A 448 9.82 3.43 19.03
C THR A 448 10.50 3.95 17.78
N LEU A 449 11.83 3.86 17.72
CA LEU A 449 12.54 4.34 16.55
C LEU A 449 12.31 3.47 15.32
N MET A 450 11.68 2.30 15.47
CA MET A 450 11.42 1.42 14.36
C MET A 450 10.12 1.73 13.63
N GLY A 451 9.41 2.78 14.02
CA GLY A 451 8.17 3.14 13.36
C GLY A 451 6.98 2.37 13.88
N GLY A 452 5.84 2.62 13.25
CA GLY A 452 4.61 1.96 13.63
C GLY A 452 4.02 2.55 14.90
N ARG A 453 2.69 2.63 14.96
CA ARG A 453 2.03 3.25 16.10
C ARG A 453 1.28 2.27 16.99
N SER A 454 1.01 1.06 16.51
CA SER A 454 0.25 0.12 17.32
C SER A 454 1.01 -0.28 18.58
N GLU A 455 2.32 -0.49 18.46
CA GLU A 455 3.11 -0.87 19.63
C GLU A 455 3.07 0.20 20.71
N ARG A 456 3.25 1.46 20.32
CA ARG A 456 3.29 2.53 21.30
C ARG A 456 1.95 2.66 22.01
N ASN A 457 0.85 2.64 21.25
CA ASN A 457 -0.46 2.77 21.87
C ASN A 457 -0.74 1.56 22.77
N GLU A 458 -0.35 0.38 22.32
CA GLU A 458 -0.55 -0.82 23.13
C GLU A 458 0.14 -0.66 24.47
N TYR A 459 1.41 -0.24 24.46
CA TYR A 459 2.13 -0.10 25.72
C TYR A 459 1.56 1.03 26.57
N LEU A 460 1.11 2.11 25.94
CA LEU A 460 0.52 3.20 26.70
C LEU A 460 -0.71 2.74 27.46
N LEU A 461 -1.65 2.10 26.76
CA LEU A 461 -2.83 1.59 27.44
C LEU A 461 -2.47 0.50 28.43
N LEU A 462 -1.44 -0.29 28.13
CA LEU A 462 -0.98 -1.31 29.07
C LEU A 462 -0.60 -0.67 30.39
N HIS A 463 0.23 0.36 30.35
CA HIS A 463 0.61 1.06 31.57
C HIS A 463 -0.62 1.66 32.24
N ALA A 464 -1.46 2.33 31.47
CA ALA A 464 -2.60 2.99 32.07
C ALA A 464 -3.52 2.01 32.80
N PHE A 465 -3.63 0.78 32.30
CA PHE A 465 -4.51 -0.19 32.92
C PHE A 465 -3.84 -0.99 34.02
N THR A 466 -2.55 -1.28 33.89
CA THR A 466 -1.84 -2.01 34.94
C THR A 466 -1.73 -1.17 36.20
N GLU A 467 -1.32 0.09 36.07
CA GLU A 467 -1.15 0.96 37.23
C GLU A 467 -2.47 1.23 37.93
N ASN A 468 -3.60 0.95 37.29
CA ASN A 468 -4.92 1.26 37.85
C ASN A 468 -5.67 0.01 38.27
N ASN A 469 -4.97 -1.09 38.54
CA ASN A 469 -5.56 -2.30 39.10
C ASN A 469 -6.55 -2.94 38.14
N PHE A 470 -6.10 -3.21 36.92
CA PHE A 470 -6.88 -3.95 35.94
C PHE A 470 -6.05 -5.12 35.43
N ILE A 471 -6.73 -6.08 34.82
CA ILE A 471 -6.08 -7.24 34.22
C ILE A 471 -6.13 -7.08 32.70
N VAL A 472 -4.96 -6.93 32.09
CA VAL A 472 -4.85 -6.64 30.67
C VAL A 472 -5.04 -7.91 29.86
N PRO A 473 -5.57 -7.83 28.64
CA PRO A 473 -5.76 -9.04 27.84
C PRO A 473 -4.43 -9.62 27.40
N ASP A 474 -4.43 -10.92 27.17
CA ASP A 474 -3.22 -11.59 26.72
C ASP A 474 -2.83 -11.13 25.32
N LYS A 475 -1.53 -11.07 25.08
CA LYS A 475 -1.05 -10.65 23.77
C LYS A 475 -1.58 -11.60 22.71
N PRO A 476 -1.95 -11.10 21.52
CA PRO A 476 -2.53 -11.98 20.51
C PRO A 476 -1.47 -12.78 19.80
N VAL A 477 -1.77 -14.06 19.57
CA VAL A 477 -0.84 -14.96 18.92
C VAL A 477 -0.93 -14.82 17.41
N ALA A 505 -12.88 -1.51 4.15
CA ALA A 505 -13.87 -0.81 4.94
C ALA A 505 -14.56 -1.77 5.90
N ALA A 506 -14.58 -1.41 7.18
CA ALA A 506 -15.20 -2.24 8.22
C ALA A 506 -16.38 -1.57 8.90
N TYR A 507 -16.25 -0.29 9.26
CA TYR A 507 -17.29 0.41 9.98
C TYR A 507 -17.50 1.80 9.39
N ALA A 508 -18.68 2.36 9.66
CA ALA A 508 -19.01 3.69 9.18
C ALA A 508 -18.00 4.71 9.70
N GLY A 509 -17.58 5.60 8.81
CA GLY A 509 -16.53 6.54 9.13
C GLY A 509 -16.93 7.99 8.91
N GLY A 510 -16.03 8.79 8.35
CA GLY A 510 -16.28 10.20 8.21
C GLY A 510 -17.35 10.51 7.19
N LEU A 511 -17.92 11.71 7.33
CA LEU A 511 -18.94 12.22 6.45
C LEU A 511 -18.42 13.45 5.73
N VAL A 512 -18.57 13.46 4.40
CA VAL A 512 -18.18 14.60 3.57
C VAL A 512 -19.44 15.17 2.94
N LEU A 513 -19.69 16.45 3.18
CA LEU A 513 -20.88 17.10 2.67
C LEU A 513 -20.80 17.21 1.15
N GLU A 514 -21.97 17.22 0.51
CA GLU A 514 -22.01 17.39 -0.92
C GLU A 514 -21.60 18.82 -1.25
N PRO A 515 -20.52 19.04 -2.01
CA PRO A 515 -20.04 20.41 -2.22
C PRO A 515 -20.69 21.07 -3.42
N LYS A 516 -20.92 22.38 -3.30
CA LYS A 516 -21.46 23.17 -4.41
C LYS A 516 -20.27 23.67 -5.22
N VAL A 517 -19.77 22.80 -6.08
CA VAL A 517 -18.54 23.06 -6.83
C VAL A 517 -18.66 24.40 -7.53
N GLY A 518 -17.54 25.11 -7.64
CA GLY A 518 -17.52 26.35 -8.38
C GLY A 518 -16.43 27.26 -7.86
N PHE A 519 -16.44 28.48 -8.37
CA PHE A 519 -15.49 29.51 -8.00
C PHE A 519 -16.22 30.60 -7.22
N TYR A 520 -15.56 31.10 -6.18
CA TYR A 520 -16.12 32.12 -5.31
C TYR A 520 -15.11 33.23 -5.14
N ASP A 521 -15.58 34.48 -5.27
CA ASP A 521 -14.72 35.64 -5.18
C ASP A 521 -14.83 36.38 -3.85
N LYS A 522 -15.95 36.26 -3.15
CA LYS A 522 -16.09 36.90 -1.86
C LYS A 522 -15.29 36.12 -0.82
N PHE A 523 -15.46 36.46 0.46
CA PHE A 523 -14.69 35.85 1.52
C PHE A 523 -15.39 34.60 2.05
N ILE A 524 -14.65 33.49 2.06
CA ILE A 524 -15.16 32.20 2.54
C ILE A 524 -14.45 31.86 3.85
N LEU A 525 -15.22 31.62 4.90
CA LEU A 525 -14.66 31.40 6.23
C LEU A 525 -14.67 29.91 6.53
N LEU A 526 -13.50 29.36 6.84
CA LEU A 526 -13.32 27.94 7.12
C LEU A 526 -13.16 27.75 8.63
N LEU A 527 -14.15 27.10 9.25
CA LEU A 527 -14.08 26.73 10.65
C LEU A 527 -13.73 25.24 10.76
N ASP A 528 -12.96 24.90 11.79
CA ASP A 528 -12.51 23.53 11.96
C ASP A 528 -12.44 23.22 13.44
N PHE A 529 -12.56 21.93 13.76
CA PHE A 529 -12.50 21.48 15.14
C PHE A 529 -11.10 21.04 15.53
N ASN A 530 -10.83 21.15 16.83
CA ASN A 530 -9.52 20.87 17.40
C ASN A 530 -9.52 19.43 17.91
N SER A 531 -8.80 18.55 17.22
CA SER A 531 -8.67 17.15 17.62
C SER A 531 -10.05 16.53 17.89
N LEU A 532 -10.84 16.45 16.83
CA LEU A 532 -12.26 16.12 16.99
C LEU A 532 -12.44 14.78 17.69
N TYR A 533 -11.68 13.76 17.28
CA TYR A 533 -11.92 12.43 17.83
C TYR A 533 -11.51 12.33 19.29
N PRO A 534 -10.29 12.72 19.68
CA PRO A 534 -9.99 12.73 21.12
C PRO A 534 -10.96 13.56 21.92
N SER A 535 -11.38 14.69 21.38
CA SER A 535 -12.33 15.53 22.08
C SER A 535 -13.66 14.80 22.27
N ILE A 536 -14.10 14.05 21.25
CA ILE A 536 -15.33 13.28 21.39
C ILE A 536 -15.17 12.24 22.47
N ILE A 537 -14.02 11.55 22.48
CA ILE A 537 -13.78 10.54 23.49
C ILE A 537 -13.86 11.16 24.87
N GLN A 538 -13.24 12.33 25.04
CA GLN A 538 -13.26 12.98 26.34
C GLN A 538 -14.67 13.39 26.73
N GLU A 539 -15.43 13.94 25.78
CA GLU A 539 -16.72 14.51 26.11
C GLU A 539 -17.73 13.43 26.44
N TYR A 540 -17.79 12.37 25.64
CA TYR A 540 -18.84 11.37 25.80
C TYR A 540 -18.38 10.16 26.60
N ASN A 541 -17.24 10.27 27.30
CA ASN A 541 -16.80 9.22 28.22
C ASN A 541 -16.70 7.87 27.53
N ILE A 542 -16.20 7.87 26.30
CA ILE A 542 -16.05 6.64 25.54
C ILE A 542 -14.80 5.92 26.04
N CYS A 543 -14.98 5.03 27.04
CA CYS A 543 -13.87 4.37 27.70
C CYS A 543 -14.07 2.87 27.70
N PHE A 544 -12.95 2.15 27.80
CA PHE A 544 -12.99 0.69 27.84
C PHE A 544 -13.85 0.21 28.99
N THR A 545 -13.91 0.97 30.08
CA THR A 545 -14.56 0.55 31.30
C THR A 545 -15.99 1.08 31.39
N THR A 546 -16.48 1.75 30.35
CA THR A 546 -17.79 2.38 30.36
C THR A 546 -18.67 1.90 29.23
N VAL A 547 -18.11 1.60 28.07
CA VAL A 547 -18.89 1.18 26.90
C VAL A 547 -19.31 -0.26 27.15
N HIS A 548 -20.61 -0.47 27.36
CA HIS A 548 -21.12 -1.80 27.64
C HIS A 548 -21.23 -2.56 26.33
N ARG A 549 -20.17 -3.29 26.03
CA ARG A 549 -20.03 -4.05 24.80
C ARG A 549 -20.86 -5.33 24.86
N GLU A 550 -20.94 -6.00 23.72
CA GLU A 550 -21.65 -7.29 23.64
C GLU A 550 -21.15 -8.01 22.41
N ALA A 551 -20.41 -9.10 22.61
CA ALA A 551 -19.86 -9.87 21.49
C ALA A 551 -20.87 -10.90 21.01
N ASP A 561 -23.03 -5.50 13.66
CA ASP A 561 -22.25 -4.28 13.51
C ASP A 561 -23.05 -3.07 13.99
N GLU A 562 -23.67 -3.20 15.16
CA GLU A 562 -24.46 -2.13 15.72
C GLU A 562 -23.57 -1.08 16.36
N ILE A 563 -24.18 0.05 16.74
CA ILE A 563 -23.50 1.16 17.38
C ILE A 563 -23.83 1.08 18.87
N PRO A 564 -22.87 0.79 19.75
CA PRO A 564 -23.20 0.66 21.18
C PRO A 564 -23.71 1.97 21.76
N GLU A 565 -24.57 1.84 22.77
CA GLU A 565 -25.17 3.01 23.40
C GLU A 565 -24.12 3.86 24.11
N LEU A 566 -24.43 5.15 24.23
CA LEU A 566 -23.52 6.06 24.89
C LEU A 566 -23.46 5.77 26.39
N PRO A 567 -22.29 5.93 27.01
CA PRO A 567 -22.19 5.64 28.44
C PRO A 567 -22.96 6.63 29.28
N HIS A 568 -23.36 6.20 30.46
CA HIS A 568 -24.06 7.08 31.39
C HIS A 568 -23.14 8.23 31.81
N SER A 569 -23.72 9.42 31.94
CA SER A 569 -22.93 10.59 32.29
C SER A 569 -22.32 10.47 33.68
N ASP A 570 -23.08 9.94 34.64
CA ASP A 570 -22.64 9.91 36.03
C ASP A 570 -21.36 9.13 36.24
N LEU A 571 -20.98 8.25 35.33
CA LEU A 571 -19.76 7.47 35.52
C LEU A 571 -18.55 8.39 35.59
N GLU A 572 -17.62 8.06 36.46
CA GLU A 572 -16.39 8.82 36.60
C GLU A 572 -15.52 8.60 35.36
N MET A 573 -14.56 9.51 35.17
CA MET A 573 -13.70 9.40 34.00
C MET A 573 -12.97 8.07 34.00
N GLY A 574 -12.84 7.48 32.81
CA GLY A 574 -12.21 6.20 32.64
C GLY A 574 -10.72 6.29 32.45
N ILE A 575 -10.14 5.19 31.95
CA ILE A 575 -8.70 5.12 31.78
C ILE A 575 -8.30 5.75 30.45
N LEU A 576 -8.93 5.32 29.36
CA LEU A 576 -8.61 5.86 28.05
C LEU A 576 -8.87 7.36 28.00
N PRO A 577 -9.99 7.87 28.49
CA PRO A 577 -10.17 9.33 28.45
C PRO A 577 -9.05 10.04 29.17
N ARG A 578 -8.59 9.47 30.28
CA ARG A 578 -7.53 10.12 31.05
C ARG A 578 -6.25 10.20 30.23
N GLU A 579 -5.86 9.09 29.59
CA GLU A 579 -4.64 9.12 28.79
C GLU A 579 -4.79 10.06 27.59
N ILE A 580 -5.94 10.02 26.93
CA ILE A 580 -6.15 10.89 25.77
C ILE A 580 -6.11 12.34 26.20
N ARG A 581 -6.65 12.64 27.39
CA ARG A 581 -6.63 13.99 27.89
C ARG A 581 -5.22 14.44 28.24
N LYS A 582 -4.41 13.54 28.79
CA LYS A 582 -3.02 13.91 29.06
C LYS A 582 -2.31 14.24 27.76
N LEU A 583 -2.50 13.43 26.72
CA LEU A 583 -1.85 13.72 25.44
C LEU A 583 -2.36 15.01 24.84
N VAL A 584 -3.68 15.25 24.90
CA VAL A 584 -4.25 16.48 24.38
C VAL A 584 -3.70 17.68 25.12
N GLU A 585 -3.55 17.57 26.45
CA GLU A 585 -3.01 18.67 27.22
C GLU A 585 -1.59 18.97 26.82
N ARG A 586 -0.77 17.93 26.62
CA ARG A 586 0.59 18.19 26.18
C ARG A 586 0.62 18.87 24.82
N ARG A 587 -0.22 18.40 23.89
CA ARG A 587 -0.27 19.05 22.58
C ARG A 587 -0.71 20.50 22.68
N ARG A 588 -1.73 20.78 23.51
CA ARG A 588 -2.20 22.16 23.65
C ARG A 588 -1.13 23.04 24.25
N HIS A 589 -0.40 22.54 25.24
CA HIS A 589 0.68 23.31 25.83
C HIS A 589 1.77 23.59 24.81
N VAL A 590 2.13 22.60 24.00
CA VAL A 590 3.14 22.83 22.97
C VAL A 590 2.66 23.87 21.97
N LYS A 591 1.40 23.79 21.56
CA LYS A 591 0.85 24.79 20.65
C LYS A 591 0.93 26.19 21.25
N GLN A 592 0.50 26.33 22.50
CA GLN A 592 0.51 27.64 23.14
C GLN A 592 1.94 28.17 23.24
N LEU A 593 2.89 27.31 23.56
CA LEU A 593 4.29 27.72 23.58
C LEU A 593 4.74 28.20 22.21
N MET A 594 4.32 27.51 21.15
CA MET A 594 4.60 27.97 19.80
C MET A 594 4.08 29.39 19.55
N LYS A 595 2.96 29.75 20.18
CA LYS A 595 2.35 31.06 20.00
C LYS A 595 3.21 32.20 20.52
N GLN A 596 4.24 31.92 21.29
CA GLN A 596 5.08 32.99 21.85
C GLN A 596 5.70 33.82 20.73
N PRO A 597 5.53 35.14 20.75
CA PRO A 597 6.07 35.97 19.67
C PRO A 597 7.59 36.01 19.67
N ASP A 598 8.14 36.29 18.50
CA ASP A 598 9.58 36.43 18.30
C ASP A 598 10.30 35.12 18.60
N LEU A 599 9.95 34.10 17.81
CA LEU A 599 10.58 32.79 17.87
C LEU A 599 11.40 32.54 16.61
N ASN A 600 12.52 31.86 16.77
CA ASN A 600 13.39 31.59 15.63
C ASN A 600 12.66 30.70 14.63
N PRO A 601 12.86 30.90 13.32
CA PRO A 601 12.17 30.02 12.36
C PRO A 601 12.49 28.55 12.56
N ASP A 602 13.74 28.23 12.90
CA ASP A 602 14.11 26.83 13.10
C ASP A 602 13.39 26.24 14.29
N LEU A 603 13.34 26.99 15.40
CA LEU A 603 12.59 26.53 16.55
C LEU A 603 11.11 26.40 16.23
N TYR A 604 10.59 27.29 15.37
CA TYR A 604 9.20 27.14 14.94
C TYR A 604 9.01 25.84 14.17
N LEU A 605 9.95 25.50 13.29
CA LEU A 605 9.84 24.23 12.57
C LEU A 605 9.88 23.05 13.53
N GLN A 606 10.77 23.11 14.53
CA GLN A 606 10.82 22.02 15.51
C GLN A 606 9.51 21.89 16.25
N TYR A 607 8.93 23.03 16.68
CA TYR A 607 7.66 22.97 17.38
C TYR A 607 6.55 22.44 16.48
N ASP A 608 6.56 22.83 15.21
CA ASP A 608 5.55 22.31 14.29
C ASP A 608 5.65 20.81 14.14
N ILE A 609 6.88 20.29 13.99
CA ILE A 609 7.05 18.85 13.86
C ILE A 609 6.58 18.14 15.12
N ARG A 610 6.95 18.67 16.28
CA ARG A 610 6.55 18.04 17.53
C ARG A 610 5.03 18.05 17.69
N GLN A 611 4.39 19.16 17.37
CA GLN A 611 2.93 19.23 17.48
C GLN A 611 2.27 18.26 16.53
N LYS A 612 2.79 18.15 15.30
CA LYS A 612 2.23 17.17 14.37
C LYS A 612 2.39 15.76 14.91
N ALA A 613 3.54 15.47 15.51
CA ALA A 613 3.75 14.15 16.08
C ALA A 613 2.76 13.87 17.19
N LEU A 614 2.52 14.84 18.07
CA LEU A 614 1.57 14.63 19.15
C LEU A 614 0.17 14.42 18.63
N LYS A 615 -0.25 15.20 17.62
CA LYS A 615 -1.57 14.98 17.06
C LYS A 615 -1.67 13.59 16.45
N LEU A 616 -0.63 13.17 15.73
CA LEU A 616 -0.64 11.83 15.15
C LEU A 616 -0.68 10.77 16.22
N THR A 617 -0.02 11.00 17.36
CA THR A 617 -0.06 10.02 18.43
C THR A 617 -1.45 9.90 19.02
N ALA A 618 -2.13 11.01 19.22
CA ALA A 618 -3.52 10.94 19.70
C ALA A 618 -4.41 10.24 18.69
N ASN A 619 -4.26 10.59 17.41
CA ASN A 619 -5.07 9.97 16.37
C ASN A 619 -4.80 8.47 16.29
N SER A 620 -3.54 8.07 16.46
CA SER A 620 -3.20 6.66 16.43
C SER A 620 -3.76 5.95 17.65
N MET A 621 -3.81 6.63 18.79
CA MET A 621 -4.44 6.03 19.95
C MET A 621 -5.91 5.76 19.66
N TYR A 622 -6.57 6.67 18.96
CA TYR A 622 -7.93 6.36 18.52
C TYR A 622 -7.94 5.20 17.54
N GLY A 623 -7.01 5.19 16.60
CA GLY A 623 -7.05 4.23 15.51
C GLY A 623 -6.82 2.80 15.97
N CYS A 624 -5.95 2.62 16.95
CA CYS A 624 -5.66 1.27 17.42
C CYS A 624 -6.92 0.58 17.92
N LEU A 625 -7.95 1.36 18.28
CA LEU A 625 -9.24 0.77 18.62
C LEU A 625 -9.88 0.07 17.43
N GLY A 626 -9.41 0.33 16.22
CA GLY A 626 -10.00 -0.25 15.03
C GLY A 626 -9.13 -1.32 14.37
N PHE A 627 -7.88 -1.42 14.82
CA PHE A 627 -6.98 -2.43 14.26
C PHE A 627 -7.48 -3.82 14.67
N SER A 628 -7.66 -4.69 13.67
CA SER A 628 -8.15 -6.04 13.94
C SER A 628 -7.10 -6.92 14.58
N TYR A 629 -5.81 -6.58 14.46
CA TYR A 629 -4.74 -7.35 15.06
C TYR A 629 -4.19 -6.70 16.31
N SER A 630 -4.92 -5.75 16.89
CA SER A 630 -4.45 -4.99 18.03
C SER A 630 -4.76 -5.73 19.33
N ARG A 631 -3.92 -5.53 20.33
CA ARG A 631 -4.16 -6.14 21.63
C ARG A 631 -5.49 -5.68 22.20
N PHE A 632 -5.92 -4.47 21.82
CA PHE A 632 -7.12 -3.84 22.34
C PHE A 632 -8.10 -3.57 21.22
N TYR A 633 -8.31 -4.54 20.34
CA TYR A 633 -9.28 -4.37 19.27
C TYR A 633 -10.65 -4.14 19.88
N ALA A 634 -11.26 -3.00 19.54
CA ALA A 634 -12.53 -2.60 20.13
C ALA A 634 -13.42 -2.00 19.06
N LYS A 635 -13.54 -2.70 17.92
CA LYS A 635 -14.33 -2.21 16.80
C LYS A 635 -15.59 -1.46 17.25
N PRO A 636 -16.37 -1.93 18.22
CA PRO A 636 -17.51 -1.12 18.68
C PRO A 636 -17.09 0.23 19.19
N LEU A 637 -15.93 0.34 19.86
CA LEU A 637 -15.51 1.65 20.37
C LEU A 637 -15.18 2.60 19.23
N ALA A 638 -14.45 2.12 18.22
CA ALA A 638 -14.16 2.97 17.07
C ALA A 638 -15.44 3.35 16.34
N ALA A 639 -16.38 2.42 16.22
CA ALA A 639 -17.65 2.74 15.59
C ALA A 639 -18.39 3.82 16.38
N LEU A 640 -18.38 3.73 17.71
CA LEU A 640 -19.01 4.76 18.51
C LEU A 640 -18.35 6.11 18.30
N VAL A 641 -17.03 6.14 18.29
CA VAL A 641 -16.32 7.40 18.09
C VAL A 641 -16.69 8.02 16.75
N THR A 642 -16.62 7.23 15.68
CA THR A 642 -16.94 7.76 14.36
C THR A 642 -18.40 8.19 14.26
N HIS A 643 -19.30 7.43 14.88
CA HIS A 643 -20.71 7.79 14.82
C HIS A 643 -20.96 9.12 15.52
N GLN A 644 -20.34 9.31 16.69
CA GLN A 644 -20.50 10.59 17.36
C GLN A 644 -19.87 11.72 16.56
N GLY A 645 -18.77 11.47 15.87
CA GLY A 645 -18.20 12.49 15.01
C GLY A 645 -19.14 12.89 13.88
N ARG A 646 -19.75 11.90 13.23
CA ARG A 646 -20.71 12.20 12.19
C ARG A 646 -21.90 12.98 12.74
N GLU A 647 -22.39 12.57 13.92
CA GLU A 647 -23.53 13.28 14.50
C GLU A 647 -23.17 14.72 14.82
N ILE A 648 -21.98 14.95 15.37
CA ILE A 648 -21.59 16.31 15.73
C ILE A 648 -21.45 17.15 14.46
N LEU A 649 -20.87 16.59 13.40
CA LEU A 649 -20.74 17.34 12.16
C LEU A 649 -22.10 17.69 11.58
N LEU A 650 -23.03 16.73 11.57
CA LEU A 650 -24.36 17.02 11.05
C LEU A 650 -25.06 18.09 11.88
N HIS A 651 -24.92 18.02 13.20
CA HIS A 651 -25.55 19.02 14.06
C HIS A 651 -24.94 20.39 13.84
N THR A 652 -23.62 20.45 13.68
CA THR A 652 -22.97 21.73 13.40
C THR A 652 -23.45 22.30 12.07
N LYS A 653 -23.59 21.48 11.04
CA LYS A 653 -24.13 21.96 9.78
C LYS A 653 -25.54 22.50 9.97
N GLU A 654 -26.36 21.79 10.74
CA GLU A 654 -27.73 22.25 10.97
C GLU A 654 -27.73 23.61 11.65
N MET A 655 -26.89 23.78 12.67
CA MET A 655 -26.84 25.05 13.38
C MET A 655 -26.39 26.17 12.46
N VAL A 656 -25.32 25.95 11.70
CA VAL A 656 -24.81 26.99 10.81
C VAL A 656 -25.87 27.36 9.79
N GLN A 657 -26.59 26.38 9.26
CA GLN A 657 -27.65 26.67 8.30
C GLN A 657 -28.75 27.50 8.95
N LYS A 658 -29.14 27.15 10.17
CA LYS A 658 -30.17 27.91 10.85
C LYS A 658 -29.76 29.37 11.09
N MET A 659 -28.45 29.65 11.12
CA MET A 659 -28.00 31.02 11.26
C MET A 659 -28.17 31.84 9.98
N ASN A 660 -28.77 31.27 8.93
CA ASN A 660 -29.06 32.00 7.70
C ASN A 660 -27.80 32.34 6.91
N LEU A 661 -26.87 31.39 6.82
CA LEU A 661 -25.70 31.49 5.96
C LEU A 661 -25.69 30.29 5.00
N GLU A 662 -24.64 30.21 4.20
CA GLU A 662 -24.51 29.17 3.19
C GLU A 662 -23.33 28.27 3.53
N VAL A 663 -23.58 26.96 3.54
CA VAL A 663 -22.56 25.95 3.77
C VAL A 663 -22.16 25.34 2.43
N ILE A 664 -20.88 25.05 2.27
CA ILE A 664 -20.37 24.62 0.97
C ILE A 664 -19.51 23.37 1.04
N TYR A 665 -19.02 22.96 2.20
CA TYR A 665 -18.07 21.85 2.26
C TYR A 665 -17.86 21.45 3.72
N GLY A 666 -17.26 20.28 3.91
CA GLY A 666 -16.86 19.83 5.23
C GLY A 666 -16.36 18.40 5.19
N ASP A 667 -15.26 18.11 5.91
CA ASP A 667 -14.69 16.75 5.91
C ASP A 667 -14.54 16.30 7.37
N THR A 668 -15.66 15.84 7.93
CA THR A 668 -15.71 15.10 9.18
C THR A 668 -15.39 15.93 10.41
N ASP A 669 -14.79 17.11 10.25
CA ASP A 669 -14.71 18.04 11.37
C ASP A 669 -14.69 19.51 10.97
N SER A 670 -14.84 19.85 9.69
CA SER A 670 -14.69 21.22 9.22
C SER A 670 -15.93 21.66 8.46
N ILE A 671 -16.17 22.97 8.45
CA ILE A 671 -17.28 23.55 7.71
C ILE A 671 -16.82 24.84 7.05
N MET A 672 -17.20 25.02 5.79
CA MET A 672 -16.90 26.24 5.05
C MET A 672 -18.19 27.03 4.89
N ILE A 673 -18.12 28.32 5.19
CA ILE A 673 -19.28 29.20 5.19
C ILE A 673 -19.04 30.32 4.19
N ASN A 674 -20.07 30.66 3.42
CA ASN A 674 -20.02 31.78 2.51
C ASN A 674 -20.41 33.05 3.25
N THR A 675 -19.65 34.12 3.05
CA THR A 675 -19.89 35.34 3.81
C THR A 675 -20.79 36.33 3.07
N ASN A 676 -20.56 36.52 1.77
CA ASN A 676 -21.24 37.55 0.99
C ASN A 676 -20.82 38.94 1.45
N CYS A 677 -19.54 39.11 1.79
CA CYS A 677 -19.03 40.40 2.23
C CYS A 677 -17.62 40.58 1.70
N ASN A 678 -17.11 41.78 1.87
CA ASN A 678 -15.78 42.13 1.37
C ASN A 678 -14.88 42.71 2.46
N ASN A 679 -15.43 43.45 3.41
CA ASN A 679 -14.62 44.03 4.47
C ASN A 679 -14.13 42.95 5.42
N LEU A 680 -12.84 43.01 5.75
CA LEU A 680 -12.25 41.98 6.59
C LEU A 680 -12.81 42.02 8.01
N GLU A 681 -13.02 43.22 8.55
CA GLU A 681 -13.50 43.34 9.91
C GLU A 681 -14.86 42.67 10.08
N GLU A 682 -15.75 42.84 9.09
CA GLU A 682 -17.04 42.16 9.15
C GLU A 682 -16.86 40.66 9.13
N VAL A 683 -15.91 40.18 8.33
CA VAL A 683 -15.64 38.75 8.25
C VAL A 683 -15.22 38.23 9.62
N PHE A 684 -14.30 38.94 10.27
CA PHE A 684 -13.82 38.50 11.58
C PHE A 684 -14.93 38.56 12.61
N LYS A 685 -15.77 39.60 12.57
CA LYS A 685 -16.86 39.70 13.53
C LYS A 685 -17.83 38.54 13.37
N LEU A 686 -18.18 38.21 12.13
CA LEU A 686 -19.06 37.08 11.89
C LEU A 686 -18.42 35.79 12.35
N GLY A 687 -17.12 35.64 12.09
CA GLY A 687 -16.43 34.44 12.54
C GLY A 687 -16.47 34.27 14.04
N ASN A 688 -16.18 35.35 14.77
CA ASN A 688 -16.23 35.27 16.23
C ASN A 688 -17.63 34.95 16.72
N ARG A 689 -18.64 35.59 16.10
CA ARG A 689 -20.02 35.33 16.50
C ARG A 689 -20.37 33.86 16.34
N VAL A 690 -20.08 33.30 15.16
CA VAL A 690 -20.45 31.92 14.88
C VAL A 690 -19.63 30.98 15.77
N LYS A 691 -18.36 31.30 16.00
CA LYS A 691 -17.54 30.47 16.86
C LYS A 691 -18.14 30.38 18.26
N SER A 692 -18.51 31.53 18.83
CA SER A 692 -19.10 31.50 20.16
C SER A 692 -20.41 30.74 20.17
N GLU A 693 -21.26 30.98 19.17
CA GLU A 693 -22.56 30.30 19.14
C GLU A 693 -22.39 28.79 19.06
N ILE A 694 -21.46 28.32 18.24
CA ILE A 694 -21.25 26.88 18.11
C ILE A 694 -20.67 26.31 19.39
N ASN A 695 -19.64 26.95 19.95
CA ASN A 695 -19.00 26.42 21.14
C ASN A 695 -19.90 26.45 22.36
N LYS A 696 -20.99 27.22 22.31
CA LYS A 696 -21.86 27.30 23.48
C LYS A 696 -22.50 25.96 23.84
N SER A 697 -22.48 24.98 22.94
CA SER A 697 -23.23 23.76 23.14
C SER A 697 -22.39 22.53 23.49
N TYR A 698 -21.08 22.68 23.64
CA TYR A 698 -20.19 21.55 23.93
C TYR A 698 -19.40 21.82 25.20
N LYS A 699 -19.24 20.77 26.02
CA LYS A 699 -18.54 20.93 27.29
C LYS A 699 -17.04 21.04 27.13
N LEU A 700 -16.47 20.35 26.14
CA LEU A 700 -15.02 20.37 25.98
C LEU A 700 -14.63 20.74 24.55
N LEU A 701 -15.44 20.33 23.56
CA LEU A 701 -15.06 20.53 22.17
C LEU A 701 -14.95 22.01 21.85
N GLU A 702 -13.94 22.36 21.06
CA GLU A 702 -13.63 23.75 20.72
C GLU A 702 -13.63 23.89 19.20
N ILE A 703 -14.30 24.93 18.71
CA ILE A 703 -14.27 25.30 17.29
C ILE A 703 -13.45 26.56 17.14
N ASP A 704 -12.59 26.59 16.13
CA ASP A 704 -11.69 27.71 15.90
C ASP A 704 -11.80 28.17 14.46
N ILE A 705 -11.28 29.36 14.20
CA ILE A 705 -11.29 29.94 12.86
C ILE A 705 -10.14 29.33 12.06
N ASP A 706 -10.41 28.23 11.36
CA ASP A 706 -9.34 27.56 10.63
C ASP A 706 -8.73 28.45 9.57
N GLY A 707 -9.50 29.36 9.01
CA GLY A 707 -8.93 30.29 8.04
C GLY A 707 -9.98 31.16 7.38
N ILE A 708 -9.47 32.15 6.64
CA ILE A 708 -10.28 33.04 5.81
C ILE A 708 -9.72 32.98 4.39
N PHE A 709 -10.61 32.84 3.41
CA PHE A 709 -10.22 32.69 2.02
C PHE A 709 -10.74 33.89 1.23
N LYS A 710 -9.85 34.51 0.46
CA LYS A 710 -10.26 35.60 -0.41
C LYS A 710 -10.92 35.08 -1.68
N SER A 711 -10.30 34.08 -2.32
CA SER A 711 -10.86 33.47 -3.52
C SER A 711 -10.79 31.96 -3.37
N LEU A 712 -11.88 31.29 -3.74
CA LEU A 712 -12.00 29.84 -3.58
C LEU A 712 -12.27 29.22 -4.94
N LEU A 713 -11.66 28.06 -5.19
CA LEU A 713 -11.89 27.26 -6.38
C LEU A 713 -12.14 25.84 -5.90
N LEU A 714 -13.40 25.44 -5.79
CA LEU A 714 -13.79 24.14 -5.29
C LEU A 714 -14.15 23.25 -6.47
N LEU A 715 -13.27 22.28 -6.77
CA LEU A 715 -13.48 21.45 -7.95
C LEU A 715 -14.43 20.30 -7.64
N LYS A 716 -14.08 19.47 -6.67
CA LYS A 716 -14.92 18.36 -6.26
C LYS A 716 -14.71 18.15 -4.76
N LYS A 717 -15.16 17.00 -4.27
CA LYS A 717 -14.89 16.67 -2.88
C LYS A 717 -13.39 16.48 -2.69
N LYS A 718 -12.86 17.05 -1.61
CA LYS A 718 -11.46 16.91 -1.26
C LYS A 718 -10.55 17.42 -2.38
N LYS A 719 -10.97 18.52 -3.02
CA LYS A 719 -10.16 19.12 -4.08
C LYS A 719 -10.54 20.59 -4.21
N TYR A 720 -9.64 21.48 -3.78
CA TYR A 720 -9.87 22.90 -3.95
C TYR A 720 -8.55 23.65 -3.85
N ALA A 721 -8.61 24.92 -4.23
CA ALA A 721 -7.52 25.87 -4.02
C ALA A 721 -8.09 27.16 -3.46
N ALA A 722 -7.23 27.92 -2.79
CA ALA A 722 -7.70 29.15 -2.16
C ALA A 722 -6.52 30.06 -1.89
N LEU A 723 -6.85 31.29 -1.53
CA LEU A 723 -5.88 32.31 -1.15
C LEU A 723 -6.09 32.62 0.32
N THR A 724 -5.32 31.95 1.18
CA THR A 724 -5.39 32.21 2.60
C THR A 724 -4.96 33.64 2.88
N VAL A 725 -5.62 34.26 3.86
CA VAL A 725 -5.38 35.65 4.22
C VAL A 725 -4.80 35.68 5.62
N GLU A 726 -3.58 36.21 5.74
CA GLU A 726 -2.93 36.34 7.04
C GLU A 726 -2.89 37.82 7.42
N PRO A 727 -3.54 38.24 8.50
CA PRO A 727 -3.44 39.64 8.92
C PRO A 727 -2.05 39.97 9.41
N THR A 728 -1.69 41.25 9.27
CA THR A 728 -0.39 41.75 9.71
C THR A 728 -0.50 42.88 10.73
N GLY A 729 -1.54 43.69 10.66
CA GLY A 729 -1.74 44.79 11.58
C GLY A 729 -2.32 45.99 10.86
N ASP A 730 -3.10 46.79 11.58
CA ASP A 730 -3.71 48.01 11.05
C ASP A 730 -4.57 47.71 9.82
N GLY A 731 -5.17 46.53 9.77
CA GLY A 731 -6.01 46.14 8.66
C GLY A 731 -5.27 45.57 7.47
N LYS A 732 -3.94 45.55 7.49
CA LYS A 732 -3.20 44.96 6.38
C LYS A 732 -3.32 43.45 6.39
N TYR A 733 -3.45 42.86 5.21
CA TYR A 733 -3.64 41.42 5.07
C TYR A 733 -2.82 40.91 3.90
N VAL A 734 -1.88 40.02 4.18
CA VAL A 734 -1.08 39.39 3.14
C VAL A 734 -1.81 38.13 2.69
N THR A 735 -1.45 37.65 1.49
CA THR A 735 -2.11 36.50 0.89
C THR A 735 -1.09 35.39 0.60
N LYS A 736 -1.51 34.15 0.82
CA LYS A 736 -0.68 32.98 0.54
C LYS A 736 -1.53 31.92 -0.14
N GLN A 737 -1.00 31.35 -1.22
CA GLN A 737 -1.77 30.40 -2.04
C GLN A 737 -1.70 29.02 -1.39
N GLU A 738 -2.85 28.44 -1.10
CA GLU A 738 -2.95 27.13 -0.48
C GLU A 738 -3.78 26.21 -1.36
N LEU A 739 -3.22 25.06 -1.72
CA LEU A 739 -3.91 24.06 -2.52
C LEU A 739 -4.13 22.82 -1.66
N LYS A 740 -5.35 22.28 -1.67
CA LYS A 740 -5.70 21.12 -0.87
C LYS A 740 -6.39 20.12 -1.80
N GLY A 741 -5.66 19.08 -2.19
CA GLY A 741 -6.24 17.97 -2.93
C GLY A 741 -6.02 18.02 -4.43
N LEU A 742 -5.55 19.14 -4.97
CA LEU A 742 -5.42 19.26 -6.41
C LEU A 742 -4.50 18.18 -6.97
N ASP A 743 -4.55 18.03 -8.28
CA ASP A 743 -3.67 17.09 -8.97
C ASP A 743 -2.26 17.63 -9.10
N ILE A 744 -2.03 18.90 -8.79
CA ILE A 744 -0.68 19.45 -8.81
C ILE A 744 0.10 19.13 -7.55
N VAL A 745 -0.56 18.59 -6.53
CA VAL A 745 0.07 18.31 -5.25
C VAL A 745 0.20 16.79 -5.04
N ARG A 746 0.31 16.04 -6.12
CA ARG A 746 0.44 14.59 -6.05
C ARG A 746 1.61 14.17 -6.91
N ARG A 747 2.33 13.14 -6.46
CA ARG A 747 3.56 12.71 -7.11
C ARG A 747 3.32 11.79 -8.29
N ASP A 748 2.08 11.69 -8.79
CA ASP A 748 1.76 10.83 -9.91
C ASP A 748 1.47 11.63 -11.19
N TRP A 749 1.94 12.86 -11.27
CA TRP A 749 1.77 13.69 -12.46
C TRP A 749 3.11 14.34 -12.79
N CYS A 750 3.34 14.54 -14.09
CA CYS A 750 4.63 15.05 -14.54
C CYS A 750 4.85 16.47 -14.06
N GLU A 751 6.13 16.84 -13.94
CA GLU A 751 6.46 18.20 -13.51
C GLU A 751 6.01 19.24 -14.52
N LEU A 752 5.95 18.88 -15.80
CA LEU A 752 5.38 19.81 -16.78
C LEU A 752 3.95 20.18 -16.40
N ALA A 753 3.12 19.17 -16.17
CA ALA A 753 1.75 19.42 -15.76
C ALA A 753 1.69 20.15 -14.42
N LYS A 754 2.60 19.80 -13.51
CA LYS A 754 2.61 20.47 -12.21
C LYS A 754 2.81 21.96 -12.36
N GLN A 755 3.84 22.37 -13.10
CA GLN A 755 4.11 23.78 -13.28
C GLN A 755 2.98 24.47 -14.04
N ALA A 756 2.46 23.81 -15.08
CA ALA A 756 1.38 24.41 -15.85
C ALA A 756 0.17 24.66 -14.96
N GLY A 757 -0.22 23.66 -14.17
CA GLY A 757 -1.36 23.84 -13.29
C GLY A 757 -1.11 24.88 -12.23
N ASN A 758 0.13 24.96 -11.73
CA ASN A 758 0.45 25.98 -10.74
C ASN A 758 0.21 27.36 -11.32
N TYR A 759 0.73 27.61 -12.53
CA TYR A 759 0.52 28.91 -13.15
C TYR A 759 -0.95 29.17 -13.41
N VAL A 760 -1.66 28.16 -13.91
CA VAL A 760 -3.08 28.33 -14.24
C VAL A 760 -3.87 28.69 -13.00
N ILE A 761 -3.63 27.99 -11.89
CA ILE A 761 -4.33 28.29 -10.65
C ILE A 761 -3.95 29.67 -10.16
N SER A 762 -2.67 30.02 -10.24
CA SER A 762 -2.25 31.35 -9.82
C SER A 762 -3.04 32.43 -10.54
N GLN A 763 -3.20 32.27 -11.86
CA GLN A 763 -3.99 33.23 -12.62
C GLN A 763 -5.45 33.20 -12.20
N ILE A 764 -6.04 32.00 -12.16
CA ILE A 764 -7.47 31.87 -11.89
C ILE A 764 -7.84 32.41 -10.51
N LEU A 765 -6.87 32.49 -9.61
CA LEU A 765 -7.17 32.96 -8.26
C LEU A 765 -6.92 34.45 -8.06
N SER A 766 -6.16 35.08 -8.95
CA SER A 766 -5.82 36.49 -8.77
C SER A 766 -7.05 37.37 -8.95
N ASP A 767 -6.85 38.67 -8.81
CA ASP A 767 -7.92 39.66 -8.88
C ASP A 767 -8.05 40.32 -10.24
N GLN A 768 -7.27 39.89 -11.23
CA GLN A 768 -7.34 40.52 -12.55
C GLN A 768 -8.68 40.23 -13.22
N PRO A 769 -9.09 41.09 -14.15
CA PRO A 769 -10.36 40.88 -14.86
C PRO A 769 -10.36 39.60 -15.68
N ARG A 770 -11.57 39.08 -15.91
CA ARG A 770 -11.70 37.76 -16.51
C ARG A 770 -11.06 37.70 -17.89
N ASP A 771 -11.26 38.74 -18.69
CA ASP A 771 -10.77 38.72 -20.07
C ASP A 771 -9.25 38.60 -20.10
N SER A 772 -8.56 39.40 -19.28
CA SER A 772 -7.11 39.33 -19.26
C SER A 772 -6.64 37.98 -18.74
N ILE A 773 -7.36 37.40 -17.79
CA ILE A 773 -6.99 36.08 -17.28
C ILE A 773 -7.08 35.06 -18.40
N VAL A 774 -8.17 35.10 -19.17
CA VAL A 774 -8.35 34.16 -20.27
C VAL A 774 -7.25 34.34 -21.31
N GLU A 775 -6.94 35.59 -21.66
CA GLU A 775 -5.90 35.83 -22.66
C GLU A 775 -4.56 35.32 -22.17
N ASN A 776 -4.24 35.56 -20.90
CA ASN A 776 -2.99 35.07 -20.34
C ASN A 776 -2.93 33.54 -20.35
N ILE A 777 -4.04 32.90 -19.99
CA ILE A 777 -4.10 31.44 -20.02
C ILE A 777 -3.85 30.93 -21.42
N GLN A 778 -4.49 31.55 -22.42
CA GLN A 778 -4.31 31.13 -23.79
C GLN A 778 -2.86 31.28 -24.22
N LYS A 779 -2.26 32.43 -23.91
CA LYS A 779 -0.88 32.67 -24.32
C LYS A 779 0.06 31.67 -23.67
N LYS A 780 -0.12 31.41 -22.37
CA LYS A 780 0.77 30.49 -21.69
C LYS A 780 0.60 29.06 -22.19
N LEU A 781 -0.64 28.65 -22.46
CA LEU A 781 -0.84 27.30 -22.98
C LEU A 781 -0.23 27.15 -24.36
N THR A 782 -0.36 28.15 -25.22
CA THR A 782 0.30 28.09 -26.52
C THR A 782 1.81 28.05 -26.36
N GLU A 783 2.34 28.84 -25.42
CA GLU A 783 3.78 28.86 -25.21
C GLU A 783 4.30 27.50 -24.76
N ILE A 784 3.61 26.87 -23.80
CA ILE A 784 4.06 25.57 -23.33
C ILE A 784 3.91 24.52 -24.41
N GLY A 785 2.85 24.59 -25.20
CA GLY A 785 2.73 23.67 -26.32
C GLY A 785 3.87 23.78 -27.30
N GLU A 786 4.22 25.03 -27.67
CA GLU A 786 5.34 25.24 -28.56
C GLU A 786 6.64 24.74 -27.95
N ASN A 787 6.85 25.01 -26.66
CA ASN A 787 8.07 24.56 -26.00
C ASN A 787 8.18 23.04 -26.04
N VAL A 788 7.09 22.35 -25.72
CA VAL A 788 7.12 20.89 -25.67
C VAL A 788 7.37 20.35 -27.07
N THR A 789 6.67 20.90 -28.07
CA THR A 789 6.85 20.41 -29.43
C THR A 789 8.28 20.64 -29.92
N ASN A 790 8.90 21.72 -29.48
CA ASN A 790 10.28 22.00 -29.86
C ASN A 790 11.30 21.39 -28.91
N GLY A 791 10.87 20.71 -27.86
CA GLY A 791 11.80 20.08 -26.95
C GLY A 791 12.56 21.03 -26.06
N THR A 792 12.04 22.25 -25.85
CA THR A 792 12.74 23.18 -24.98
C THR A 792 12.67 22.75 -23.53
N VAL A 793 11.59 22.07 -23.14
CA VAL A 793 11.44 21.65 -21.74
C VAL A 793 12.55 20.66 -21.41
N PRO A 794 13.11 20.67 -20.21
CA PRO A 794 14.20 19.74 -19.89
C PRO A 794 13.65 18.35 -19.58
N ILE A 795 14.58 17.39 -19.53
CA ILE A 795 14.19 16.01 -19.30
C ILE A 795 13.57 15.84 -17.92
N THR A 796 14.18 16.46 -16.91
CA THR A 796 13.78 16.21 -15.53
C THR A 796 12.32 16.54 -15.27
N GLN A 797 11.71 17.39 -16.09
CA GLN A 797 10.33 17.78 -15.88
C GLN A 797 9.33 16.73 -16.35
N TYR A 798 9.80 15.61 -16.89
CA TYR A 798 8.92 14.57 -17.40
C TYR A 798 8.66 13.44 -16.41
N GLU A 799 9.49 13.30 -15.37
CA GLU A 799 9.38 12.15 -14.50
C GLU A 799 8.02 12.10 -13.81
N ILE A 800 7.50 10.88 -13.65
CA ILE A 800 6.29 10.61 -12.88
C ILE A 800 6.66 9.57 -11.84
N ASN A 801 6.32 9.85 -10.58
CA ASN A 801 6.74 9.02 -9.45
C ASN A 801 5.58 8.19 -8.93
N LYS A 802 5.86 6.94 -8.62
CA LYS A 802 4.89 6.04 -8.00
C LYS A 802 5.59 5.15 -7.00
N ALA A 803 4.94 4.87 -5.87
CA ALA A 803 5.53 4.12 -4.78
C ALA A 803 4.98 2.69 -4.76
N LEU A 804 5.89 1.71 -4.75
CA LEU A 804 5.48 0.32 -4.74
C LEU A 804 4.92 -0.05 -3.37
N THR A 805 4.02 -1.04 -3.37
CA THR A 805 3.47 -1.55 -2.12
C THR A 805 4.11 -2.87 -1.69
N LYS A 806 4.38 -3.76 -2.64
CA LYS A 806 5.06 -5.02 -2.36
C LYS A 806 6.38 -5.05 -3.15
N ASP A 807 7.05 -6.18 -3.09
CA ASP A 807 8.24 -6.36 -3.90
C ASP A 807 7.85 -6.48 -5.37
N PRO A 808 8.78 -6.23 -6.29
CA PRO A 808 8.44 -6.35 -7.71
C PRO A 808 7.92 -7.73 -8.07
N GLN A 809 8.50 -8.78 -7.49
CA GLN A 809 8.09 -10.12 -7.87
C GLN A 809 6.72 -10.45 -7.31
N ASP A 810 6.46 -10.10 -6.05
CA ASP A 810 5.20 -10.51 -5.43
C ASP A 810 4.00 -9.89 -6.12
N TYR A 811 4.21 -8.85 -6.90
CA TYR A 811 3.11 -8.21 -7.61
C TYR A 811 2.53 -9.16 -8.64
N PRO A 812 1.22 -9.45 -8.60
CA PRO A 812 0.67 -10.37 -9.61
C PRO A 812 0.92 -9.84 -11.02
N ASP A 813 1.17 -10.75 -11.94
CA ASP A 813 1.50 -10.35 -13.30
C ASP A 813 0.25 -9.85 -14.00
N LYS A 814 -0.31 -8.75 -13.49
CA LYS A 814 -1.48 -8.09 -14.08
C LYS A 814 -0.97 -6.98 -15.00
N LYS A 815 -0.69 -7.35 -16.25
CA LYS A 815 -0.05 -6.45 -17.22
C LYS A 815 1.29 -6.01 -16.65
N SER A 816 1.73 -4.81 -16.99
CA SER A 816 3.06 -4.32 -16.62
C SER A 816 2.96 -2.89 -16.10
N LEU A 817 2.09 -2.68 -15.11
CA LEU A 817 1.83 -1.36 -14.53
C LEU A 817 3.12 -0.56 -14.43
N PRO A 818 3.15 0.68 -14.95
CA PRO A 818 4.42 1.34 -15.28
C PRO A 818 5.45 1.12 -14.20
N HIS A 819 5.12 1.56 -12.99
CA HIS A 819 6.07 1.53 -11.89
C HIS A 819 6.62 0.11 -11.73
N VAL A 820 5.72 -0.87 -11.63
CA VAL A 820 6.16 -2.25 -11.45
C VAL A 820 7.13 -2.66 -12.55
N HIS A 821 6.76 -2.39 -13.79
CA HIS A 821 7.65 -2.65 -14.93
C HIS A 821 9.04 -2.10 -14.68
N VAL A 822 9.12 -0.80 -14.45
CA VAL A 822 10.42 -0.16 -14.27
C VAL A 822 11.16 -0.81 -13.10
N ALA A 823 10.45 -1.09 -12.01
CA ALA A 823 11.07 -1.73 -10.87
C ALA A 823 11.77 -3.00 -11.32
N LEU A 824 11.04 -3.83 -12.06
CA LEU A 824 11.63 -5.09 -12.52
C LEU A 824 12.90 -4.81 -13.31
N TRP A 825 12.85 -3.82 -14.20
CA TRP A 825 14.03 -3.50 -14.99
C TRP A 825 15.20 -3.14 -14.09
N ILE A 826 14.95 -2.30 -13.09
CA ILE A 826 15.99 -1.88 -12.16
C ILE A 826 16.59 -3.07 -11.43
N ASN A 827 15.73 -4.02 -11.04
CA ASN A 827 16.24 -5.21 -10.39
C ASN A 827 17.10 -6.03 -11.36
N SER A 828 16.70 -6.08 -12.63
CA SER A 828 17.45 -6.85 -13.61
C SER A 828 18.86 -6.32 -13.75
N GLN A 829 19.01 -4.99 -13.80
CA GLN A 829 20.33 -4.40 -13.94
C GLN A 829 21.12 -4.55 -12.64
N GLY A 830 22.44 -4.37 -12.76
CA GLY A 830 23.34 -4.53 -11.63
C GLY A 830 23.44 -3.32 -10.72
N GLY A 831 22.43 -3.09 -9.88
CA GLY A 831 22.46 -1.97 -8.97
C GLY A 831 21.74 -2.31 -7.68
N ARG A 832 21.76 -1.36 -6.75
CA ARG A 832 21.10 -1.54 -5.46
C ARG A 832 19.62 -1.80 -5.69
N LYS A 833 19.08 -2.81 -5.02
CA LYS A 833 17.73 -3.24 -5.29
C LYS A 833 16.72 -2.19 -4.83
N VAL A 834 15.54 -2.26 -5.41
CA VAL A 834 14.40 -1.41 -5.04
C VAL A 834 13.34 -2.27 -4.37
N LYS A 835 13.39 -2.35 -3.05
CA LYS A 835 12.45 -3.19 -2.32
C LYS A 835 11.12 -2.46 -2.15
N ALA A 836 10.25 -3.01 -1.32
CA ALA A 836 8.93 -2.43 -1.11
C ALA A 836 9.04 -1.08 -0.42
N GLY A 837 7.95 -0.32 -0.49
CA GLY A 837 7.93 0.99 0.14
C GLY A 837 8.99 1.92 -0.41
N ASP A 838 9.16 1.92 -1.74
CA ASP A 838 10.15 2.75 -2.40
C ASP A 838 9.51 3.51 -3.54
N THR A 839 9.92 4.76 -3.71
CA THR A 839 9.43 5.62 -4.78
C THR A 839 10.26 5.39 -6.04
N ILE A 840 9.57 5.07 -7.14
CA ILE A 840 10.21 4.79 -8.40
C ILE A 840 9.73 5.84 -9.40
N SER A 841 10.67 6.43 -10.12
CA SER A 841 10.40 7.48 -11.10
C SER A 841 10.54 6.90 -12.50
N TYR A 842 9.53 7.13 -13.34
CA TYR A 842 9.52 6.63 -14.70
C TYR A 842 9.09 7.73 -15.65
N VAL A 843 9.58 7.64 -16.88
CA VAL A 843 9.23 8.57 -17.95
C VAL A 843 8.68 7.78 -19.12
N ILE A 844 7.51 8.20 -19.61
CA ILE A 844 6.88 7.56 -20.76
C ILE A 844 7.58 8.02 -22.03
N CYS A 845 8.02 7.06 -22.85
CA CYS A 845 8.80 7.39 -24.04
C CYS A 845 8.23 6.70 -25.27
N GLN A 846 8.94 6.81 -26.40
CA GLN A 846 8.50 6.21 -27.65
C GLN A 846 9.64 5.39 -28.23
N ASP A 847 9.34 4.18 -28.67
CA ASP A 847 10.34 3.33 -29.32
C ASP A 847 9.79 2.58 -30.52
N GLY A 848 8.62 2.96 -31.04
CA GLY A 848 8.00 2.19 -32.09
C GLY A 848 7.30 0.93 -31.62
N SER A 849 7.12 0.77 -30.31
CA SER A 849 6.52 -0.47 -29.80
C SER A 849 5.11 -0.68 -30.33
N ASN A 850 4.40 0.40 -30.65
CA ASN A 850 3.02 0.34 -31.12
C ASN A 850 2.12 -0.40 -30.14
N LEU A 851 2.57 -0.61 -28.91
CA LEU A 851 1.78 -1.24 -27.88
C LEU A 851 1.02 -0.15 -27.13
N SER A 852 0.15 -0.54 -26.20
CA SER A 852 -0.56 0.46 -25.44
C SER A 852 0.44 1.30 -24.67
N ALA A 853 0.15 2.59 -24.54
CA ALA A 853 1.13 3.53 -24.01
C ALA A 853 1.61 3.12 -22.63
N SER A 854 0.74 2.51 -21.83
CA SER A 854 1.16 2.13 -20.49
C SER A 854 2.33 1.17 -20.54
N GLN A 855 2.30 0.22 -21.48
CA GLN A 855 3.32 -0.81 -21.48
C GLN A 855 4.69 -0.25 -21.85
N ARG A 856 4.75 0.99 -22.34
CA ARG A 856 6.02 1.53 -22.84
C ARG A 856 6.80 2.29 -21.77
N ALA A 857 6.32 2.29 -20.52
CA ALA A 857 7.03 3.01 -19.47
C ALA A 857 8.47 2.53 -19.39
N TYR A 858 9.39 3.49 -19.33
CA TYR A 858 10.82 3.22 -19.30
C TYR A 858 11.45 4.07 -18.20
N ALA A 859 12.76 3.89 -18.01
CA ALA A 859 13.49 4.62 -16.99
C ALA A 859 14.23 5.81 -17.60
N GLN A 860 14.33 6.88 -16.80
CA GLN A 860 14.97 8.09 -17.29
C GLN A 860 16.41 7.83 -17.67
N GLU A 861 17.13 7.06 -16.85
CA GLU A 861 18.50 6.71 -17.18
C GLU A 861 18.54 5.94 -18.48
N GLN A 862 17.59 5.04 -18.67
CA GLN A 862 17.50 4.30 -19.93
C GLN A 862 17.36 5.25 -21.10
N LEU A 863 16.41 6.18 -21.02
CA LEU A 863 16.20 7.10 -22.14
C LEU A 863 17.44 7.93 -22.40
N GLN A 864 18.08 8.44 -21.35
CA GLN A 864 19.31 9.19 -21.55
C GLN A 864 20.42 8.31 -22.10
N LYS A 865 20.32 7.00 -21.92
CA LYS A 865 21.35 6.06 -22.39
C LYS A 865 21.02 5.50 -23.77
N GLN A 866 19.85 4.87 -23.90
CA GLN A 866 19.47 4.26 -25.17
C GLN A 866 19.36 5.31 -26.26
N GLU A 867 19.78 4.94 -27.46
CA GLU A 867 19.73 5.81 -28.63
C GLU A 867 18.54 5.51 -29.53
N ASN A 868 17.59 4.69 -29.06
CA ASN A 868 16.44 4.31 -29.85
C ASN A 868 15.13 4.64 -29.14
N LEU A 869 15.18 5.45 -28.08
CA LEU A 869 14.01 5.84 -27.34
C LEU A 869 13.91 7.36 -27.32
N SER A 870 12.68 7.86 -27.30
CA SER A 870 12.44 9.30 -27.30
C SER A 870 11.16 9.58 -26.52
N ILE A 871 11.02 10.82 -26.07
CA ILE A 871 9.90 11.15 -25.22
C ILE A 871 8.60 11.03 -26.02
N ASP A 872 7.51 10.75 -25.32
CA ASP A 872 6.20 10.59 -25.97
C ASP A 872 5.50 11.93 -25.90
N THR A 873 5.74 12.74 -26.94
CA THR A 873 5.23 14.11 -26.94
C THR A 873 3.70 14.12 -26.89
N GLN A 874 3.07 13.33 -27.75
CA GLN A 874 1.62 13.34 -27.81
C GLN A 874 1.00 12.84 -26.51
N TYR A 875 1.60 11.82 -25.89
CA TYR A 875 1.07 11.38 -24.60
C TYR A 875 1.12 12.50 -23.56
N TYR A 876 2.27 13.16 -23.45
CA TYR A 876 2.41 14.20 -22.43
C TYR A 876 1.46 15.35 -22.69
N LEU A 877 1.28 15.72 -23.95
CA LEU A 877 0.42 16.85 -24.28
C LEU A 877 -1.05 16.46 -24.41
N SER A 878 -1.38 15.18 -24.28
CA SER A 878 -2.76 14.73 -24.41
C SER A 878 -3.32 14.20 -23.11
N GLN A 879 -2.65 13.24 -22.49
CA GLN A 879 -3.17 12.56 -21.31
C GLN A 879 -2.56 13.03 -20.00
N GLN A 880 -1.52 13.85 -20.05
CA GLN A 880 -0.84 14.34 -18.85
C GLN A 880 -1.13 15.80 -18.54
N VAL A 881 -1.29 16.63 -19.56
CA VAL A 881 -1.56 18.05 -19.37
C VAL A 881 -3.03 18.37 -19.52
N HIS A 882 -3.64 17.92 -20.62
CA HIS A 882 -5.02 18.30 -20.89
C HIS A 882 -5.96 17.89 -19.76
N PRO A 883 -5.90 16.68 -19.22
CA PRO A 883 -6.81 16.35 -18.13
C PRO A 883 -6.64 17.23 -16.90
N VAL A 884 -5.40 17.56 -16.55
CA VAL A 884 -5.16 18.38 -15.36
C VAL A 884 -5.80 19.75 -15.54
N VAL A 885 -5.50 20.40 -16.65
CA VAL A 885 -6.02 21.75 -16.86
C VAL A 885 -7.53 21.71 -17.04
N ALA A 886 -8.06 20.63 -17.63
CA ALA A 886 -9.50 20.54 -17.80
C ALA A 886 -10.20 20.42 -16.46
N ARG A 887 -9.67 19.60 -15.56
CA ARG A 887 -10.25 19.52 -14.24
C ARG A 887 -10.11 20.84 -13.50
N ILE A 888 -8.96 21.50 -13.67
CA ILE A 888 -8.73 22.77 -12.98
C ILE A 888 -9.74 23.81 -13.44
N CYS A 889 -9.97 23.90 -14.74
CA CYS A 889 -10.82 24.94 -15.32
C CYS A 889 -12.24 24.46 -15.56
N GLU A 890 -12.67 23.40 -14.87
CA GLU A 890 -14.00 22.86 -15.11
C GLU A 890 -15.10 23.88 -14.84
N PRO A 891 -15.12 24.57 -13.71
CA PRO A 891 -16.22 25.50 -13.43
C PRO A 891 -15.98 26.93 -13.92
N ILE A 892 -14.86 27.19 -14.56
CA ILE A 892 -14.55 28.54 -15.05
C ILE A 892 -15.15 28.69 -16.44
N ASP A 893 -16.04 29.66 -16.59
CA ASP A 893 -16.65 29.93 -17.89
C ASP A 893 -15.62 30.48 -18.86
N GLY A 894 -15.78 30.12 -20.13
CA GLY A 894 -14.91 30.62 -21.18
C GLY A 894 -13.86 29.63 -21.65
N ILE A 895 -13.61 28.58 -20.88
CA ILE A 895 -12.63 27.56 -21.25
C ILE A 895 -13.32 26.21 -21.19
N ASP A 896 -13.18 25.43 -22.25
CA ASP A 896 -13.67 24.06 -22.29
C ASP A 896 -12.61 23.16 -22.90
N SER A 897 -12.83 21.86 -22.77
CA SER A 897 -11.81 20.88 -23.18
C SER A 897 -11.33 21.15 -24.59
N ALA A 898 -12.24 21.46 -25.50
CA ALA A 898 -11.85 21.70 -26.88
C ALA A 898 -10.88 22.87 -26.97
N LEU A 899 -11.18 23.95 -26.26
CA LEU A 899 -10.31 25.12 -26.32
C LEU A 899 -8.92 24.78 -25.78
N ILE A 900 -8.86 24.04 -24.67
CA ILE A 900 -7.56 23.68 -24.11
C ILE A 900 -6.78 22.82 -25.10
N ALA A 901 -7.46 21.84 -25.70
CA ALA A 901 -6.78 20.98 -26.65
C ALA A 901 -6.25 21.80 -27.83
N MET A 902 -7.06 22.71 -28.34
CA MET A 902 -6.63 23.53 -29.47
C MET A 902 -5.43 24.39 -29.09
N TRP A 903 -5.52 25.06 -27.94
CA TRP A 903 -4.44 25.97 -27.55
C TRP A 903 -3.15 25.21 -27.35
N LEU A 904 -3.22 24.03 -26.73
CA LEU A 904 -2.00 23.28 -26.44
C LEU A 904 -1.27 22.89 -27.71
N GLY A 905 -1.96 22.89 -28.85
CA GLY A 905 -1.41 22.41 -30.10
C GLY A 905 -1.87 21.03 -30.48
N LEU A 906 -2.62 20.35 -29.60
CA LEU A 906 -3.16 19.04 -29.92
C LEU A 906 -4.24 19.13 -30.99
N ASP A 907 -4.47 18.00 -31.65
CA ASP A 907 -5.57 17.90 -32.60
C ASP A 907 -6.89 17.76 -31.85
N PRO A 908 -7.88 18.63 -32.07
CA PRO A 908 -9.14 18.54 -31.34
C PRO A 908 -10.06 17.43 -31.81
N SER A 909 -9.60 16.53 -32.68
CA SER A 909 -10.45 15.45 -33.18
C SER A 909 -11.02 14.63 -32.04
N GLN A 910 -10.15 13.95 -31.28
CA GLN A 910 -10.57 13.08 -30.20
C GLN A 910 -10.62 13.82 -28.86
N PHE A 911 -11.36 14.93 -28.84
CA PHE A 911 -11.51 15.72 -27.62
C PHE A 911 -12.72 16.64 -27.72
N ILE B 277 -25.44 -20.59 -68.93
CA ILE B 277 -26.74 -21.01 -68.39
C ILE B 277 -27.59 -19.79 -68.10
N SER B 278 -28.90 -19.97 -68.20
CA SER B 278 -29.87 -18.90 -68.01
C SER B 278 -30.53 -19.02 -66.65
N LEU B 279 -30.91 -17.85 -66.09
CA LEU B 279 -31.61 -17.86 -64.82
C LEU B 279 -32.97 -18.54 -64.96
N GLU B 280 -33.67 -18.26 -66.05
CA GLU B 280 -35.02 -18.78 -66.23
C GLU B 280 -35.05 -20.30 -66.20
N GLN B 281 -34.08 -20.96 -66.86
CA GLN B 281 -34.05 -22.41 -66.90
C GLN B 281 -33.77 -23.04 -65.55
N ILE B 282 -33.29 -22.26 -64.58
CA ILE B 282 -32.99 -22.81 -63.26
C ILE B 282 -34.25 -23.48 -62.71
N ASP B 283 -35.38 -22.76 -62.76
CA ASP B 283 -36.66 -23.34 -62.32
C ASP B 283 -36.94 -24.68 -62.99
N GLY B 284 -36.74 -24.76 -64.31
CA GLY B 284 -36.96 -26.03 -64.99
C GLY B 284 -36.09 -27.12 -64.41
N PHE B 285 -34.81 -26.82 -64.20
CA PHE B 285 -33.94 -27.80 -63.58
C PHE B 285 -34.49 -28.20 -62.22
N ALA B 286 -35.00 -27.22 -61.48
CA ALA B 286 -35.55 -27.49 -60.15
C ALA B 286 -36.69 -28.49 -60.26
N ALA B 287 -37.46 -28.37 -61.33
CA ALA B 287 -38.55 -29.31 -61.58
C ALA B 287 -38.00 -30.70 -61.84
N LYS B 288 -36.96 -30.80 -62.67
CA LYS B 288 -36.51 -32.10 -63.18
C LYS B 288 -35.10 -32.44 -62.72
N SER B 289 -34.11 -31.60 -63.04
CA SER B 289 -32.71 -32.02 -62.90
C SER B 289 -32.23 -31.97 -61.45
N PHE B 290 -32.75 -31.02 -60.66
CA PHE B 290 -32.22 -30.79 -59.33
C PHE B 290 -32.39 -32.02 -58.44
N PRO B 291 -31.34 -32.47 -57.74
CA PRO B 291 -31.53 -33.53 -56.75
C PRO B 291 -32.41 -33.05 -55.60
N LEU B 292 -32.99 -34.00 -54.90
CA LEU B 292 -34.04 -33.67 -53.94
C LEU B 292 -33.57 -32.63 -52.93
N CYS B 293 -32.28 -32.63 -52.58
CA CYS B 293 -31.78 -31.60 -51.67
C CYS B 293 -31.96 -30.22 -52.27
N MET B 294 -31.48 -30.05 -53.51
CA MET B 294 -31.62 -28.76 -54.18
C MET B 294 -33.07 -28.46 -54.48
N ARG B 295 -33.88 -29.48 -54.77
CA ARG B 295 -35.30 -29.24 -54.99
C ARG B 295 -35.95 -28.65 -53.74
N GLN B 296 -35.65 -29.22 -52.58
CA GLN B 296 -36.19 -28.69 -51.33
C GLN B 296 -35.70 -27.28 -51.08
N LEU B 297 -34.40 -27.04 -51.29
CA LEU B 297 -33.86 -25.70 -51.06
C LEU B 297 -34.51 -24.68 -51.98
N HIS B 298 -34.67 -25.02 -53.26
CA HIS B 298 -35.29 -24.10 -54.22
C HIS B 298 -36.76 -23.85 -53.87
N LYS B 299 -37.47 -24.91 -53.47
CA LYS B 299 -38.86 -24.75 -53.07
C LYS B 299 -38.98 -23.81 -51.88
N SER B 300 -38.13 -23.99 -50.87
CA SER B 300 -38.17 -23.10 -49.71
C SER B 300 -37.83 -21.67 -50.11
N LEU B 301 -36.83 -21.50 -50.98
CA LEU B 301 -36.42 -20.16 -51.38
C LEU B 301 -37.57 -19.45 -52.10
N ARG B 302 -38.23 -20.15 -53.02
CA ARG B 302 -39.35 -19.54 -53.74
C ARG B 302 -40.57 -19.39 -52.84
N GLU B 303 -40.66 -20.16 -51.76
CA GLU B 303 -41.77 -20.01 -50.83
C GLU B 303 -41.59 -18.77 -49.96
N ASN B 304 -40.35 -18.47 -49.56
CA ASN B 304 -40.12 -17.42 -48.60
C ASN B 304 -39.13 -16.37 -49.08
N HIS B 305 -38.50 -16.56 -50.23
CA HIS B 305 -37.57 -15.58 -50.78
C HIS B 305 -36.50 -15.18 -49.78
N HIS B 306 -36.02 -16.17 -49.01
CA HIS B 306 -34.96 -15.94 -48.06
C HIS B 306 -34.47 -17.29 -47.54
N LEU B 307 -33.15 -17.43 -47.42
CA LEU B 307 -32.53 -18.68 -46.96
C LEU B 307 -31.52 -18.34 -45.89
N ARG B 308 -31.52 -19.14 -44.83
CA ARG B 308 -30.51 -19.00 -43.81
C ARG B 308 -29.13 -19.30 -44.40
N HIS B 309 -28.09 -19.04 -43.60
CA HIS B 309 -26.73 -19.05 -44.12
C HIS B 309 -26.38 -20.41 -44.72
N GLY B 310 -26.69 -21.48 -44.01
CA GLY B 310 -26.37 -22.81 -44.52
C GLY B 310 -27.03 -23.09 -45.86
N GLY B 311 -28.31 -22.79 -45.96
CA GLY B 311 -29.00 -22.97 -47.22
C GLY B 311 -28.39 -22.10 -48.30
N ARG B 312 -28.04 -20.87 -47.94
CA ARG B 312 -27.43 -19.96 -48.89
C ARG B 312 -26.13 -20.56 -49.40
N MET B 313 -25.26 -21.00 -48.50
CA MET B 313 -23.99 -21.57 -48.90
C MET B 313 -24.20 -22.77 -49.82
N GLN B 314 -25.04 -23.70 -49.40
CA GLN B 314 -25.23 -24.92 -50.18
C GLN B 314 -25.78 -24.61 -51.57
N TYR B 315 -26.84 -23.82 -51.64
CA TYR B 315 -27.47 -23.54 -52.93
C TYR B 315 -26.55 -22.71 -53.82
N GLY B 316 -25.84 -21.75 -53.23
CA GLY B 316 -24.91 -20.96 -54.01
C GLY B 316 -23.80 -21.80 -54.59
N LEU B 317 -23.23 -22.71 -53.80
CA LEU B 317 -22.19 -23.58 -54.32
C LEU B 317 -22.75 -24.46 -55.43
N PHE B 318 -23.98 -24.97 -55.27
CA PHE B 318 -24.55 -25.80 -56.32
C PHE B 318 -24.75 -25.01 -57.59
N LEU B 319 -25.30 -23.80 -57.48
CA LEU B 319 -25.53 -22.98 -58.66
C LEU B 319 -24.21 -22.55 -59.30
N LYS B 320 -23.16 -22.41 -58.51
CA LYS B 320 -21.83 -22.24 -59.07
C LYS B 320 -21.41 -23.47 -59.85
N GLY B 321 -21.70 -24.66 -59.31
CA GLY B 321 -21.31 -25.88 -59.97
C GLY B 321 -21.99 -26.06 -61.32
N ILE B 322 -23.29 -25.77 -61.38
CA ILE B 322 -24.02 -25.95 -62.64
C ILE B 322 -23.49 -25.01 -63.71
N GLY B 323 -22.95 -23.86 -63.32
CA GLY B 323 -22.32 -22.97 -64.28
C GLY B 323 -22.73 -21.52 -64.15
N LEU B 324 -23.66 -21.22 -63.24
CA LEU B 324 -24.13 -19.85 -63.05
C LEU B 324 -22.96 -18.91 -62.77
N THR B 325 -22.77 -17.94 -63.66
CA THR B 325 -21.65 -17.01 -63.55
C THR B 325 -21.90 -16.02 -62.41
N LEU B 326 -20.83 -15.32 -62.02
CA LEU B 326 -20.91 -14.38 -60.91
C LEU B 326 -21.99 -13.34 -61.14
N GLU B 327 -22.05 -12.76 -62.34
CA GLU B 327 -23.10 -11.81 -62.67
C GLU B 327 -24.48 -12.45 -62.61
N GLN B 328 -24.63 -13.65 -63.18
CA GLN B 328 -25.93 -14.31 -63.19
C GLN B 328 -26.38 -14.63 -61.78
N ALA B 329 -25.48 -15.17 -60.96
CA ALA B 329 -25.82 -15.49 -59.58
C ALA B 329 -26.16 -14.23 -58.80
N LEU B 330 -25.38 -13.16 -59.01
CA LEU B 330 -25.66 -11.91 -58.32
C LEU B 330 -27.04 -11.40 -58.67
N GLN B 331 -27.39 -11.42 -59.96
CA GLN B 331 -28.71 -10.97 -60.39
C GLN B 331 -29.80 -11.83 -59.77
N PHE B 332 -29.61 -13.14 -59.79
CA PHE B 332 -30.62 -14.05 -59.27
C PHE B 332 -30.84 -13.80 -57.79
N TRP B 333 -29.76 -13.73 -57.02
CA TRP B 333 -29.90 -13.56 -55.58
C TRP B 333 -30.50 -12.19 -55.26
N ARG B 334 -30.08 -11.15 -55.99
CA ARG B 334 -30.68 -9.83 -55.79
C ARG B 334 -32.18 -9.89 -56.01
N LEU B 335 -32.60 -10.45 -57.14
CA LEU B 335 -34.02 -10.49 -57.47
C LEU B 335 -34.79 -11.31 -56.45
N GLU B 336 -34.24 -12.44 -56.03
CA GLU B 336 -34.95 -13.30 -55.10
C GLU B 336 -35.08 -12.65 -53.72
N PHE B 337 -34.01 -12.02 -53.24
CA PHE B 337 -34.05 -11.47 -51.89
C PHE B 337 -34.82 -10.15 -51.84
N THR B 338 -34.81 -9.37 -52.92
CA THR B 338 -35.52 -8.09 -52.87
C THR B 338 -37.00 -8.31 -52.56
N LYS B 339 -37.55 -9.46 -52.96
CA LYS B 339 -38.95 -9.77 -52.69
C LYS B 339 -39.20 -10.10 -51.23
N GLY B 340 -38.15 -10.22 -50.41
CA GLY B 340 -38.33 -10.59 -49.02
C GLY B 340 -38.53 -9.34 -48.19
N LYS B 341 -38.93 -8.26 -48.85
CA LYS B 341 -39.21 -6.98 -48.20
C LYS B 341 -37.97 -6.45 -47.50
N VAL B 342 -36.85 -6.46 -48.22
CA VAL B 342 -35.61 -5.87 -47.72
C VAL B 342 -35.10 -4.88 -48.75
N ASP B 343 -34.36 -3.89 -48.29
CA ASP B 343 -33.81 -2.88 -49.17
C ASP B 343 -32.81 -3.49 -50.15
N SER B 344 -32.83 -3.01 -51.40
CA SER B 344 -31.87 -3.51 -52.37
C SER B 344 -30.46 -3.15 -51.93
N GLU B 345 -30.28 -1.93 -51.42
CA GLU B 345 -28.95 -1.54 -50.97
C GLU B 345 -28.54 -2.40 -49.79
N LYS B 346 -29.50 -2.87 -48.99
CA LYS B 346 -29.12 -3.74 -47.88
C LYS B 346 -28.48 -5.00 -48.45
N PHE B 347 -29.03 -5.48 -49.56
CA PHE B 347 -28.49 -6.66 -50.23
C PHE B 347 -27.06 -6.40 -50.67
N ASP B 348 -26.85 -5.30 -51.41
CA ASP B 348 -25.50 -4.98 -51.86
C ASP B 348 -24.56 -4.76 -50.68
N LYS B 349 -25.09 -4.26 -49.56
CA LYS B 349 -24.27 -4.01 -48.38
C LYS B 349 -23.79 -5.30 -47.74
N VAL B 350 -24.67 -6.31 -47.66
CA VAL B 350 -24.42 -7.50 -46.86
C VAL B 350 -24.10 -8.71 -47.73
N TYR B 351 -25.04 -9.13 -48.58
CA TYR B 351 -24.88 -10.42 -49.21
C TYR B 351 -23.95 -10.36 -50.41
N ALA B 352 -23.66 -9.17 -50.93
CA ALA B 352 -22.78 -9.07 -52.08
C ALA B 352 -21.40 -9.61 -51.73
N TYR B 353 -20.92 -9.26 -50.54
CA TYR B 353 -19.60 -9.74 -50.11
C TYR B 353 -19.59 -11.24 -49.99
N SER B 354 -20.67 -11.82 -49.43
CA SER B 354 -20.76 -13.26 -49.30
C SER B 354 -20.72 -13.91 -50.68
N ILE B 355 -21.48 -13.37 -51.63
CA ILE B 355 -21.49 -13.92 -52.97
C ILE B 355 -20.09 -13.87 -53.57
N ARG B 356 -19.46 -12.70 -53.54
CA ARG B 356 -18.13 -12.59 -54.10
C ARG B 356 -17.21 -13.64 -53.48
N HIS B 357 -17.29 -13.83 -52.17
CA HIS B 357 -16.40 -14.79 -51.55
C HIS B 357 -16.72 -16.21 -52.02
N ASN B 358 -18.01 -16.52 -52.14
CA ASN B 358 -18.42 -17.83 -52.63
C ASN B 358 -17.85 -18.11 -54.02
N TYR B 359 -17.64 -17.07 -54.83
CA TYR B 359 -17.06 -17.24 -56.15
C TYR B 359 -15.56 -16.98 -56.19
N GLY B 360 -14.91 -16.87 -55.04
CA GLY B 360 -13.48 -16.67 -55.02
C GLY B 360 -13.05 -15.37 -55.65
N LYS B 361 -13.75 -14.28 -55.31
CA LYS B 361 -13.48 -12.98 -55.88
C LYS B 361 -12.68 -12.08 -54.95
N GLU B 362 -12.71 -12.38 -53.65
CA GLU B 362 -12.11 -11.53 -52.64
C GLU B 362 -11.39 -12.42 -51.63
N GLY B 363 -10.82 -11.80 -50.60
CA GLY B 363 -10.14 -12.55 -49.57
C GLY B 363 -9.03 -13.40 -50.14
N LYS B 364 -8.98 -14.66 -49.71
CA LYS B 364 -7.99 -15.58 -50.25
C LYS B 364 -8.17 -15.84 -51.75
N ARG B 365 -9.34 -15.54 -52.29
CA ARG B 365 -9.60 -15.69 -53.72
C ARG B 365 -9.37 -17.14 -54.16
N THR B 366 -10.16 -18.04 -53.57
CA THR B 366 -10.09 -19.46 -53.89
C THR B 366 -11.39 -19.91 -54.56
N ASP B 367 -11.26 -20.67 -55.65
CA ASP B 367 -12.40 -21.23 -56.36
C ASP B 367 -12.99 -22.40 -55.56
N TYR B 368 -13.81 -22.07 -54.57
CA TYR B 368 -14.33 -23.08 -53.66
C TYR B 368 -15.18 -24.09 -54.43
N THR B 369 -14.93 -25.39 -54.17
CA THR B 369 -15.64 -26.39 -54.94
C THR B 369 -17.03 -26.63 -54.34
N PRO B 370 -18.01 -27.05 -55.16
CA PRO B 370 -19.33 -27.36 -54.60
C PRO B 370 -19.31 -28.53 -53.61
N TYR B 371 -20.23 -28.45 -52.65
CA TYR B 371 -20.35 -29.48 -51.62
C TYR B 371 -20.62 -30.85 -52.24
N SER B 372 -19.94 -31.87 -51.74
CA SER B 372 -20.24 -33.24 -52.13
C SER B 372 -21.32 -33.81 -51.22
N CYS B 373 -22.05 -34.80 -51.74
CA CYS B 373 -23.14 -35.39 -50.97
C CYS B 373 -22.65 -35.87 -49.61
N MET B 374 -21.44 -36.41 -49.54
CA MET B 374 -20.89 -36.85 -48.27
C MET B 374 -20.75 -35.67 -47.31
N LYS B 375 -20.26 -34.54 -47.79
CA LYS B 375 -20.16 -33.36 -46.93
C LYS B 375 -21.55 -32.95 -46.47
N VAL B 376 -22.50 -32.91 -47.40
CA VAL B 376 -23.85 -32.49 -47.08
C VAL B 376 -24.40 -33.37 -45.97
N ILE B 377 -24.16 -34.67 -46.06
CA ILE B 377 -24.61 -35.59 -45.02
C ILE B 377 -23.91 -35.27 -43.70
N LEU B 378 -22.62 -35.02 -43.75
CA LEU B 378 -21.81 -34.79 -42.56
C LEU B 378 -21.57 -33.31 -42.27
N SER B 379 -22.22 -32.41 -43.02
CA SER B 379 -22.06 -30.98 -42.78
C SER B 379 -22.93 -30.57 -41.59
N ASN B 380 -23.07 -29.25 -41.40
CA ASN B 380 -23.87 -28.72 -40.32
C ASN B 380 -25.20 -29.45 -40.24
N PRO B 381 -25.59 -29.95 -39.07
CA PRO B 381 -26.87 -30.62 -38.96
C PRO B 381 -28.01 -29.63 -38.96
N PRO B 382 -28.98 -29.79 -39.85
CA PRO B 382 -30.09 -28.83 -39.91
C PRO B 382 -30.95 -28.90 -38.66
N SER B 383 -31.58 -27.76 -38.33
CA SER B 383 -32.46 -27.65 -37.18
C SER B 383 -33.79 -27.06 -37.60
N GLN B 384 -34.63 -26.72 -36.64
CA GLN B 384 -35.93 -26.12 -36.97
C GLN B 384 -35.72 -24.86 -37.79
N GLY B 385 -36.53 -24.70 -38.83
CA GLY B 385 -36.40 -23.57 -39.73
C GLY B 385 -35.35 -23.74 -40.81
N ASP B 386 -34.64 -24.86 -40.84
CA ASP B 386 -33.63 -25.12 -41.86
C ASP B 386 -34.16 -26.10 -42.90
N TYR B 387 -33.53 -26.05 -44.08
CA TYR B 387 -33.92 -26.91 -45.19
C TYR B 387 -32.71 -27.48 -45.93
N HIS B 388 -31.50 -27.31 -45.43
CA HIS B 388 -30.31 -27.81 -46.11
C HIS B 388 -30.13 -29.29 -45.81
N GLY B 389 -28.98 -29.83 -46.21
CA GLY B 389 -28.65 -31.22 -45.97
C GLY B 389 -29.28 -32.17 -46.98
N CYS B 390 -28.91 -33.43 -46.87
CA CYS B 390 -29.45 -34.47 -47.74
C CYS B 390 -30.80 -34.89 -47.22
N PRO B 391 -31.88 -34.75 -47.99
CA PRO B 391 -33.18 -35.17 -47.47
C PRO B 391 -33.21 -36.62 -47.03
N PHE B 392 -32.52 -37.51 -47.75
CA PHE B 392 -32.54 -38.91 -47.36
C PHE B 392 -31.99 -39.10 -45.96
N ARG B 393 -31.05 -38.25 -45.53
CA ARG B 393 -30.46 -38.36 -44.21
C ARG B 393 -31.14 -37.48 -43.17
N HIS B 394 -31.61 -36.29 -43.55
CA HIS B 394 -32.14 -35.32 -42.62
C HIS B 394 -33.66 -35.23 -42.64
N SER B 395 -34.34 -36.16 -43.29
CA SER B 395 -35.80 -36.20 -43.31
C SER B 395 -36.29 -37.47 -42.64
N ASP B 396 -37.29 -37.34 -41.78
CA ASP B 396 -37.84 -38.49 -41.09
C ASP B 396 -38.50 -39.42 -42.12
N PRO B 397 -38.55 -40.73 -41.84
CA PRO B 397 -39.09 -41.65 -42.85
C PRO B 397 -40.49 -41.29 -43.32
N GLU B 398 -41.36 -40.83 -42.41
CA GLU B 398 -42.70 -40.43 -42.82
C GLU B 398 -42.65 -39.23 -43.75
N LEU B 399 -41.83 -38.23 -43.42
CA LEU B 399 -41.72 -37.05 -44.28
C LEU B 399 -41.16 -37.42 -45.64
N LEU B 400 -40.15 -38.28 -45.68
CA LEU B 400 -39.59 -38.70 -46.96
C LEU B 400 -40.62 -39.47 -47.77
N LYS B 401 -41.41 -40.32 -47.11
CA LYS B 401 -42.47 -41.04 -47.80
C LYS B 401 -43.48 -40.07 -48.40
N GLN B 402 -43.89 -39.07 -47.61
CA GLN B 402 -44.84 -38.09 -48.12
C GLN B 402 -44.27 -37.34 -49.31
N LYS B 403 -43.01 -36.91 -49.22
CA LYS B 403 -42.40 -36.17 -50.32
C LYS B 403 -42.31 -37.04 -51.58
N LEU B 404 -41.90 -38.30 -51.42
CA LEU B 404 -41.80 -39.18 -52.57
C LEU B 404 -43.17 -39.41 -53.19
N GLN B 405 -44.20 -39.58 -52.37
CA GLN B 405 -45.55 -39.72 -52.90
C GLN B 405 -45.98 -38.46 -53.65
N SER B 406 -45.60 -37.29 -53.14
CA SER B 406 -45.98 -36.04 -53.81
C SER B 406 -45.43 -36.00 -55.21
N PHE B 407 -44.22 -36.53 -55.42
CA PHE B 407 -43.57 -36.51 -56.73
C PHE B 407 -44.08 -37.62 -57.65
N LYS B 408 -45.19 -38.25 -57.32
CA LYS B 408 -45.82 -39.27 -58.16
C LYS B 408 -44.93 -40.50 -58.34
N VAL B 409 -44.01 -40.73 -57.41
CA VAL B 409 -43.15 -41.91 -57.51
C VAL B 409 -44.00 -43.16 -57.28
N PRO B 410 -43.77 -44.26 -58.01
CA PRO B 410 -44.57 -45.47 -57.77
C PRO B 410 -44.39 -45.98 -56.35
N SER B 411 -45.47 -46.56 -55.81
CA SER B 411 -45.45 -47.04 -54.43
C SER B 411 -44.28 -47.99 -54.20
N SER B 412 -44.02 -48.88 -55.16
CA SER B 412 -42.89 -49.80 -55.03
C SER B 412 -41.57 -49.03 -54.98
N GLY B 413 -41.43 -48.02 -55.83
CA GLY B 413 -40.22 -47.21 -55.81
C GLY B 413 -40.06 -46.47 -54.49
N ILE B 414 -41.16 -45.93 -53.97
CA ILE B 414 -41.09 -45.22 -52.69
C ILE B 414 -40.67 -46.19 -51.59
N ASN B 415 -41.25 -47.39 -51.59
CA ASN B 415 -40.89 -48.37 -50.58
C ASN B 415 -39.41 -48.76 -50.69
N GLN B 416 -38.92 -48.94 -51.92
CA GLN B 416 -37.52 -49.29 -52.10
C GLN B 416 -36.61 -48.16 -51.60
N ILE B 417 -36.98 -46.92 -51.90
CA ILE B 417 -36.20 -45.77 -51.44
C ILE B 417 -36.19 -45.70 -49.93
N LEU B 418 -37.35 -45.94 -49.31
CA LEU B 418 -37.43 -45.93 -47.85
C LEU B 418 -36.57 -47.03 -47.26
N GLU B 419 -36.60 -48.23 -47.86
CA GLU B 419 -35.77 -49.32 -47.38
C GLU B 419 -34.30 -48.97 -47.48
N LEU B 420 -33.88 -48.37 -48.59
CA LEU B 420 -32.49 -47.96 -48.73
C LEU B 420 -32.13 -46.93 -47.67
N VAL B 421 -33.03 -45.98 -47.42
CA VAL B 421 -32.76 -44.96 -46.39
C VAL B 421 -32.59 -45.63 -45.04
N LYS B 422 -33.49 -46.57 -44.71
CA LYS B 422 -33.37 -47.31 -43.46
C LYS B 422 -32.09 -48.10 -43.41
N GLY B 423 -31.51 -48.41 -44.56
CA GLY B 423 -30.26 -49.13 -44.62
C GLY B 423 -29.05 -48.24 -44.51
N MET B 424 -29.26 -46.94 -44.31
CA MET B 424 -28.21 -45.94 -44.16
C MET B 424 -27.47 -45.69 -45.47
N HIS B 425 -27.89 -46.31 -46.56
CA HIS B 425 -27.27 -46.09 -47.86
C HIS B 425 -28.09 -45.04 -48.61
N TYR B 426 -27.91 -43.79 -48.20
CA TYR B 426 -28.68 -42.71 -48.79
C TYR B 426 -28.28 -42.46 -50.24
N GLN B 427 -27.00 -42.66 -50.56
CA GLN B 427 -26.57 -42.53 -51.96
C GLN B 427 -27.27 -43.55 -52.85
N LEU B 428 -27.43 -44.77 -52.37
CA LEU B 428 -28.19 -45.76 -53.14
C LEU B 428 -29.64 -45.32 -53.27
N ALA B 429 -30.20 -44.69 -52.25
CA ALA B 429 -31.57 -44.19 -52.35
C ALA B 429 -31.69 -43.12 -53.43
N CYS B 430 -30.73 -42.19 -53.47
CA CYS B 430 -30.75 -41.17 -54.52
C CYS B 430 -30.54 -41.78 -55.89
N GLN B 431 -29.69 -42.80 -56.00
CA GLN B 431 -29.51 -43.48 -57.26
C GLN B 431 -30.81 -44.14 -57.71
N LYS B 432 -31.53 -44.76 -56.78
CA LYS B 432 -32.82 -45.34 -57.11
C LYS B 432 -33.81 -44.28 -57.55
N TYR B 433 -33.79 -43.12 -56.88
CA TYR B 433 -34.62 -42.01 -57.29
C TYR B 433 -34.31 -41.61 -58.73
N PHE B 434 -33.02 -41.50 -59.04
CA PHE B 434 -32.61 -41.13 -60.39
C PHE B 434 -33.09 -42.17 -61.40
N GLU B 435 -32.95 -43.45 -61.04
CA GLU B 435 -33.37 -44.51 -61.94
C GLU B 435 -34.87 -44.43 -62.20
N LEU B 436 -35.65 -44.20 -61.15
CA LEU B 436 -37.09 -44.19 -61.30
C LEU B 436 -37.55 -42.95 -62.07
N THR B 437 -36.96 -41.80 -61.78
CA THR B 437 -37.42 -40.57 -62.39
C THR B 437 -36.99 -40.46 -63.85
N HIS B 438 -35.83 -41.02 -64.18
CA HIS B 438 -35.33 -40.95 -65.55
C HIS B 438 -35.73 -42.15 -66.38
N SER B 439 -36.51 -43.06 -65.83
CA SER B 439 -36.99 -44.24 -66.57
C SER B 439 -35.81 -45.04 -67.11
N VAL B 440 -34.81 -45.26 -66.25
CA VAL B 440 -33.64 -46.06 -66.59
C VAL B 440 -33.51 -47.17 -65.55
N ASP B 441 -33.29 -48.40 -66.04
CA ASP B 441 -33.21 -49.54 -65.14
C ASP B 441 -32.04 -49.39 -64.17
N ASP B 442 -30.89 -48.95 -64.67
CA ASP B 442 -29.70 -48.77 -63.85
C ASP B 442 -29.13 -47.37 -64.05
N CYS B 443 -28.69 -46.76 -62.94
CA CYS B 443 -28.12 -45.41 -63.02
C CYS B 443 -26.86 -45.41 -63.87
N GLY B 444 -26.00 -46.42 -63.71
CA GLY B 444 -24.78 -46.51 -64.47
C GLY B 444 -23.63 -45.66 -63.96
N PHE B 445 -23.82 -44.96 -62.85
CA PHE B 445 -22.75 -44.12 -62.29
C PHE B 445 -22.87 -44.13 -60.77
N SER B 446 -21.73 -43.96 -60.11
CA SER B 446 -21.68 -43.90 -58.65
C SER B 446 -21.89 -42.47 -58.21
N LEU B 447 -23.12 -42.13 -57.86
CA LEU B 447 -23.47 -40.77 -57.46
C LEU B 447 -22.72 -40.36 -56.20
N ASN B 448 -21.79 -39.41 -56.34
CA ASN B 448 -21.04 -38.92 -55.20
C ASN B 448 -20.93 -37.40 -55.19
N HIS B 449 -21.79 -36.71 -55.93
CA HIS B 449 -21.78 -35.26 -55.98
C HIS B 449 -23.11 -34.79 -56.57
N PRO B 450 -23.80 -33.83 -55.94
CA PRO B 450 -25.05 -33.34 -56.55
C PRO B 450 -24.85 -32.80 -57.94
N ASN B 451 -23.73 -32.13 -58.20
CA ASN B 451 -23.43 -31.67 -59.55
C ASN B 451 -23.29 -32.84 -60.51
N GLN B 452 -22.79 -33.97 -60.04
CA GLN B 452 -22.77 -35.17 -60.87
C GLN B 452 -24.19 -35.60 -61.21
N TYR B 453 -25.09 -35.53 -60.22
CA TYR B 453 -26.50 -35.83 -60.48
C TYR B 453 -27.04 -34.93 -61.58
N PHE B 454 -26.81 -33.62 -61.45
CA PHE B 454 -27.35 -32.70 -62.45
C PHE B 454 -26.74 -32.95 -63.81
N ALA B 455 -25.44 -33.23 -63.87
CA ALA B 455 -24.81 -33.49 -65.15
C ALA B 455 -25.38 -34.74 -65.80
N GLU B 456 -25.59 -35.80 -65.02
CA GLU B 456 -26.17 -37.01 -65.58
C GLU B 456 -27.58 -36.77 -66.06
N SER B 457 -28.37 -36.02 -65.28
CA SER B 457 -29.73 -35.70 -65.71
C SER B 457 -29.74 -34.91 -67.01
N GLN B 458 -28.84 -33.92 -67.11
CA GLN B 458 -28.77 -33.13 -68.34
C GLN B 458 -28.35 -34.00 -69.51
N LYS B 459 -27.39 -34.89 -69.30
CA LYS B 459 -26.96 -35.79 -70.37
C LYS B 459 -28.12 -36.64 -70.84
N LEU B 460 -28.90 -37.19 -69.90
CA LEU B 460 -30.03 -38.03 -70.29
C LEU B 460 -31.08 -37.21 -71.04
N LEU B 461 -31.38 -36.02 -70.54
CA LEU B 461 -32.46 -35.21 -71.12
C LEU B 461 -32.00 -34.56 -72.41
N THR B 462 -31.00 -33.68 -72.32
CA THR B 462 -30.51 -32.96 -73.49
C THR B 462 -29.72 -33.91 -74.39
PG GTP D 1 -31.11 -13.94 -40.70
O1G GTP D 1 -29.98 -13.05 -40.39
O2G GTP D 1 -31.94 -14.23 -39.35
O3G GTP D 1 -32.06 -13.27 -41.80
O3B GTP D 1 -30.52 -15.32 -41.28
PB GTP D 1 -29.03 -15.90 -41.33
O1B GTP D 1 -28.97 -17.06 -42.23
O2B GTP D 1 -28.02 -14.77 -41.85
O3A GTP D 1 -28.60 -16.34 -39.86
PA GTP D 1 -28.15 -15.47 -38.58
O1A GTP D 1 -27.60 -14.19 -39.05
O2A GTP D 1 -29.42 -15.20 -37.65
O5' GTP D 1 -27.02 -16.28 -37.77
C5' GTP D 1 -27.28 -17.51 -37.11
C4' GTP D 1 -26.00 -18.36 -37.15
O4' GTP D 1 -25.68 -18.67 -38.51
C3' GTP D 1 -24.81 -17.55 -36.62
O3' GTP D 1 -24.72 -17.58 -35.21
C2' GTP D 1 -23.65 -18.33 -37.26
O2' GTP D 1 -23.37 -19.52 -36.51
C1' GTP D 1 -24.24 -18.67 -38.65
N9 GTP D 1 -23.87 -17.62 -39.59
C8 GTP D 1 -24.64 -16.54 -39.93
N7 GTP D 1 -23.99 -15.81 -40.79
C5 GTP D 1 -22.79 -16.37 -41.04
C6 GTP D 1 -21.69 -16.01 -41.86
O6 GTP D 1 -21.72 -15.01 -42.55
N1 GTP D 1 -20.61 -16.82 -41.87
C2 GTP D 1 -20.58 -17.93 -41.10
N2 GTP D 1 -19.47 -18.73 -41.13
N3 GTP D 1 -21.58 -18.27 -40.33
C4 GTP D 1 -22.70 -17.53 -40.27
H5' GTP D 1 -27.99 -17.99 -37.57
H5'' GTP D 1 -27.54 -17.36 -36.19
H4' GTP D 1 -26.12 -19.17 -36.63
H3' GTP D 1 -24.84 -16.63 -36.96
H2' GTP D 1 -22.86 -17.78 -37.34
HO2' GTP D 1 -23.40 -20.24 -36.97
H1' GTP D 1 -23.92 -19.53 -38.96
H8 GTP D 1 -25.49 -16.37 -39.61
HN1 GTP D 1 -19.93 -16.62 -42.36
HN21 GTP D 1 -19.44 -19.44 -40.65
HN22 GTP D 1 -18.80 -18.52 -41.63
N1 DOC D 20 -9.03 13.06 7.25
C2 DOC D 20 -9.04 11.75 7.55
N3 DOC D 20 -7.89 11.06 7.61
C4 DOC D 20 -6.73 11.65 7.37
C5 DOC D 20 -6.70 13.02 7.05
C6 DOC D 20 -7.87 13.70 7.01
O2 DOC D 20 -10.09 11.18 7.77
N4 DOC D 20 -5.56 10.94 7.44
C1' DOC D 20 -10.29 13.81 7.17
C2' DOC D 20 -10.77 14.23 8.57
C3' DOC D 20 -10.22 15.67 8.68
C4' DOC D 20 -10.34 16.16 7.22
O4' DOC D 20 -10.05 15.00 6.41
C5' DOC D 20 -9.35 17.29 6.94
O5' DOC D 20 -8.72 17.10 5.69
P DOC D 20 -7.34 17.88 5.37
OP1 DOC D 20 -7.59 19.32 5.37
OP2 DOC D 20 -6.17 17.27 6.30
H5 DOC D 20 -5.90 13.45 6.89
H6 DOC D 20 -7.87 14.61 6.79
HN41 DOC D 20 -5.57 10.11 7.64
HN42 DOC D 20 -4.80 11.33 7.29
H1' DOC D 20 -10.97 13.28 6.74
H2' DOC D 20 -11.73 14.22 8.62
H2'' DOC D 20 -10.37 13.66 9.25
H3'1 DOC D 20 -10.78 16.20 9.27
H3'2 DOC D 20 -9.30 15.67 8.97
H4' DOC D 20 -11.25 16.47 7.04
H5' DOC D 20 -8.68 17.30 7.64
H5'' DOC D 20 -9.82 18.14 6.94
PG DGT E . -6.50 20.02 14.51
O1G DGT E . -7.52 20.22 13.30
O2G DGT E . -4.98 20.15 14.00
O3G DGT E . -6.76 21.00 15.58
O3B DGT E . -6.71 18.53 15.06
PB DGT E . -7.47 17.31 14.38
O1B DGT E . -7.21 15.93 15.15
O2B DGT E . -8.92 17.63 14.31
O3A DGT E . -6.91 17.15 12.89
PA DGT E . -7.71 16.89 11.54
O1A DGT E . -8.72 18.14 11.38
O2A DGT E . -6.76 16.85 10.41
O5' DGT E . -8.53 15.50 11.63
C5' DGT E . -9.55 15.23 12.61
C4' DGT E . -10.02 13.76 12.59
O4' DGT E . -9.57 13.06 11.40
C3' DGT E . -9.38 12.97 13.74
O3' DGT E . -10.08 13.22 14.96
C2' DGT E . -9.60 11.53 13.25
C1' DGT E . -9.31 11.69 11.75
N9 DGT E . -7.92 11.40 11.43
C8 DGT E . -7.05 12.28 10.86
N7 DGT E . -5.90 11.71 10.70
C5 DGT E . -5.95 10.44 11.15
C6 DGT E . -5.03 9.40 11.22
O6 DGT E . -3.89 9.55 10.82
N1 DGT E . -5.43 8.22 11.74
C2 DGT E . -6.70 8.07 12.18
N2 DGT E . -7.08 6.86 12.71
N3 DGT E . -7.58 9.04 12.12
C4 DGT E . -7.26 10.23 11.62
H5' DGT E . -10.30 15.81 12.45
H5'A DGT E . -9.20 15.42 13.49
H4' DGT E . -10.98 13.73 12.64
H3' DGT E . -8.43 13.17 13.83
HO3' DGT E . -9.60 13.62 15.54
H2' DGT E . -10.52 11.24 13.40
H2'A DGT E . -8.98 10.92 13.67
H1' DGT E . -9.90 11.10 11.24
H8 DGT E . -7.26 13.15 10.62
HN2 DGT E . -6.53 6.22 12.76
HN2A DGT E . -7.89 6.75 12.99
H16 DGT E . -4.87 7.57 11.79
MG MG F . -9.43 19.30 12.99
FE1 SF4 G . -26.60 -36.09 -52.67
FE2 SF4 G . -28.58 -36.48 -50.82
FE3 SF4 G . -29.05 -37.01 -53.45
FE4 SF4 G . -28.76 -34.43 -52.61
S1 SF4 G . -30.41 -35.88 -52.02
S2 SF4 G . -27.83 -35.38 -54.45
S3 SF4 G . -27.18 -34.69 -50.98
S4 SF4 G . -27.56 -38.08 -52.09
MG MG H . -27.88 -13.06 -40.72
#